data_3SIY
#
_entry.id   3SIY
#
_cell.length_a   118.907
_cell.length_b   48.132
_cell.length_c   144.732
_cell.angle_alpha   90.00
_cell.angle_beta   98.44
_cell.angle_gamma   90.00
#
_symmetry.space_group_name_H-M   'C 1 2 1'
#
loop_
_entity.id
_entity.type
_entity.pdbx_description
1 polymer 'DUF1989 family protein'
2 non-polymer 'ZINC ION'
3 non-polymer 'CHLORIDE ION'
4 non-polymer 'MAGNESIUM ION'
5 water water
#
_entity_poly.entity_id   1
_entity_poly.type   'polypeptide(L)'
_entity_poly.pdbx_seq_one_letter_code
;G(MSE)TSFDRPFEAARPDGENPSAHETLAEGGRLRPEATYTIPARQGRAIR(MSE)AQGEAL(MSE)VINRDGSQIGDF
WAFVEGDCGEYLS(MSE)EHLRPTLRRVSPRPGDVLVSNRRRPILTLLEDSSPGVHDTLVASCDVHRYAQLGHEGYHDNC
TDNLR(MSE)ALGALGLRPTTVPCPLNLW(MSE)NTPVVEGGA(MSE)EWRPPVSRRGDHVLFRAELDVVVVISCCP
(MSE)DLLPINGEEAQPRALDVRLRPRPA
;
_entity_poly.pdbx_strand_id   A,B,C,D
#
loop_
_chem_comp.id
_chem_comp.type
_chem_comp.name
_chem_comp.formula
CL non-polymer 'CHLORIDE ION' 'Cl -1'
MG non-polymer 'MAGNESIUM ION' 'Mg 2'
ZN non-polymer 'ZINC ION' 'Zn 2'
#
# COMPACT_ATOMS: atom_id res chain seq x y z
N SER A 4 -16.43 32.52 16.70
CA SER A 4 -15.03 32.78 17.14
C SER A 4 -14.33 31.50 17.59
N PHE A 5 -13.06 31.34 17.18
CA PHE A 5 -12.30 30.12 17.47
C PHE A 5 -11.24 30.36 18.51
N ASP A 6 -11.17 29.47 19.49
CA ASP A 6 -10.15 29.61 20.53
C ASP A 6 -9.23 28.39 20.64
N ARG A 7 -9.21 27.58 19.60
CA ARG A 7 -8.24 26.46 19.47
C ARG A 7 -7.86 26.24 18.00
N PRO A 8 -6.75 25.53 17.76
CA PRO A 8 -6.37 25.21 16.39
C PRO A 8 -7.33 24.24 15.74
N PHE A 9 -7.31 24.21 14.42
CA PHE A 9 -8.16 23.32 13.65
C PHE A 9 -7.67 21.88 13.78
N GLU A 10 -8.61 20.96 13.98
CA GLU A 10 -8.28 19.56 14.10
C GLU A 10 -9.06 18.72 13.09
N ALA A 11 -8.36 18.29 12.05
CA ALA A 11 -8.99 17.55 10.96
C ALA A 11 -9.76 16.34 11.47
N ALA A 12 -9.26 15.69 12.52
CA ALA A 12 -9.84 14.42 12.97
C ALA A 12 -10.99 14.57 13.95
N ARG A 13 -11.15 15.75 14.54
CA ARG A 13 -12.08 15.93 15.64
C ARG A 13 -13.50 16.29 15.21
N PRO A 14 -14.49 15.39 15.44
CA PRO A 14 -15.88 15.79 15.12
C PRO A 14 -16.40 16.91 16.01
N ASP A 15 -17.22 17.78 15.45
CA ASP A 15 -17.84 18.86 16.19
C ASP A 15 -19.11 18.44 16.89
N GLY A 16 -19.56 17.21 16.62
CA GLY A 16 -20.70 16.61 17.27
C GLY A 16 -20.75 15.13 16.97
N GLU A 17 -21.83 14.47 17.36
CA GLU A 17 -21.99 13.01 17.29
CA GLU A 17 -21.94 13.03 17.18
C GLU A 17 -23.29 12.60 16.63
N ASN A 18 -23.27 11.48 15.91
CA ASN A 18 -24.47 10.75 15.52
C ASN A 18 -24.02 9.28 15.49
N PRO A 19 -24.90 8.36 15.10
CA PRO A 19 -24.54 6.93 15.14
C PRO A 19 -23.30 6.51 14.33
N SER A 20 -22.86 7.37 13.42
CA SER A 20 -21.64 7.10 12.64
C SER A 20 -20.38 6.90 13.54
N ALA A 21 -20.42 7.46 14.74
CA ALA A 21 -19.29 7.33 15.66
C ALA A 21 -19.06 5.89 16.11
N HIS A 22 -20.13 5.08 16.17
CA HIS A 22 -20.14 3.78 16.84
CA HIS A 22 -19.98 3.75 16.75
C HIS A 22 -20.55 2.60 15.95
N GLU A 23 -21.31 2.88 14.88
CA GLU A 23 -21.88 1.82 14.04
CA GLU A 23 -21.87 1.80 14.07
C GLU A 23 -21.04 1.61 12.80
N THR A 24 -20.58 0.40 12.57
CA THR A 24 -19.88 0.06 11.33
C THR A 24 -20.77 -0.84 10.47
N LEU A 25 -20.53 -0.85 9.17
CA LEU A 25 -21.35 -1.64 8.27
C LEU A 25 -21.13 -3.12 8.51
N ALA A 26 -19.87 -3.44 8.77
CA ALA A 26 -19.39 -4.81 8.95
C ALA A 26 -18.06 -4.64 9.67
N GLU A 27 -17.57 -5.72 10.28
CA GLU A 27 -16.31 -5.63 11.03
C GLU A 27 -15.17 -5.20 10.08
N GLY A 28 -14.41 -4.22 10.52
CA GLY A 28 -13.32 -3.63 9.74
C GLY A 28 -13.73 -2.95 8.44
N GLY A 29 -15.03 -2.72 8.25
CA GLY A 29 -15.51 -2.19 6.99
C GLY A 29 -15.43 -3.17 5.83
N ARG A 30 -15.29 -4.47 6.12
CA ARG A 30 -15.12 -5.47 5.05
CA ARG A 30 -15.13 -5.45 5.07
C ARG A 30 -16.47 -6.09 4.68
N LEU A 31 -17.10 -5.49 3.68
CA LEU A 31 -18.44 -5.89 3.23
C LEU A 31 -18.43 -7.27 2.61
N ARG A 32 -19.43 -8.08 2.95
CA ARG A 32 -19.54 -9.41 2.39
C ARG A 32 -19.93 -9.43 0.93
N PRO A 33 -19.35 -10.34 0.16
CA PRO A 33 -19.93 -10.63 -1.15
C PRO A 33 -21.42 -11.06 -1.08
N GLU A 34 -22.15 -10.65 -2.09
CA GLU A 34 -23.59 -10.93 -2.29
C GLU A 34 -24.52 -10.21 -1.29
N ALA A 35 -23.96 -9.30 -0.50
CA ALA A 35 -24.71 -8.53 0.46
C ALA A 35 -24.94 -7.10 -0.01
N THR A 36 -26.03 -6.50 0.47
CA THR A 36 -26.21 -5.06 0.38
C THR A 36 -26.12 -4.45 1.77
N TYR A 37 -25.63 -3.22 1.79
CA TYR A 37 -25.51 -2.44 3.00
C TYR A 37 -26.05 -1.05 2.75
N THR A 38 -26.33 -0.36 3.85
CA THR A 38 -26.92 0.98 3.80
C THR A 38 -26.19 2.01 4.65
N ILE A 39 -25.85 3.15 4.05
CA ILE A 39 -25.41 4.33 4.81
CA ILE A 39 -25.42 4.29 4.83
C ILE A 39 -26.68 5.08 5.14
N PRO A 40 -27.06 5.15 6.44
CA PRO A 40 -28.32 5.83 6.71
C PRO A 40 -28.33 7.29 6.33
N ALA A 41 -29.52 7.85 6.14
CA ALA A 41 -29.63 9.28 5.92
C ALA A 41 -28.88 10.04 7.02
N ARG A 42 -28.18 11.08 6.59
CA ARG A 42 -27.49 12.03 7.46
C ARG A 42 -26.22 11.51 8.13
N GLN A 43 -25.80 10.32 7.79
CA GLN A 43 -24.69 9.62 8.42
C GLN A 43 -23.60 9.27 7.41
N GLY A 44 -22.46 8.81 7.93
CA GLY A 44 -21.41 8.30 7.10
C GLY A 44 -20.92 6.93 7.55
N ARG A 45 -20.29 6.20 6.62
CA ARG A 45 -19.70 4.90 6.92
C ARG A 45 -18.45 4.72 6.06
N ALA A 46 -17.50 3.94 6.59
CA ALA A 46 -16.26 3.56 5.91
C ALA A 46 -16.34 2.14 5.42
N ILE A 47 -15.66 1.90 4.31
CA ILE A 47 -15.69 0.63 3.58
C ILE A 47 -14.29 0.30 3.14
N ARG A 48 -13.78 -0.88 3.51
CA ARG A 48 -12.46 -1.30 3.07
C ARG A 48 -12.54 -2.09 1.78
N MSE A 49 -11.76 -1.70 0.78
CA MSE A 49 -11.70 -2.41 -0.51
C MSE A 49 -10.32 -2.92 -0.76
O MSE A 49 -9.32 -2.23 -0.56
CB MSE A 49 -12.08 -1.48 -1.70
CG MSE A 49 -13.34 -0.72 -1.51
SE MSE A 49 -13.75 0.37 -3.06
CE MSE A 49 -13.92 -1.02 -4.29
N ALA A 50 -10.24 -4.12 -1.31
CA ALA A 50 -9.00 -4.64 -1.86
C ALA A 50 -8.85 -4.27 -3.33
N GLN A 51 -7.61 -4.14 -3.78
CA GLN A 51 -7.31 -3.85 -5.16
CA GLN A 51 -7.35 -3.82 -5.17
C GLN A 51 -8.10 -4.79 -6.08
N GLY A 52 -8.81 -4.23 -7.04
CA GLY A 52 -9.55 -5.00 -8.04
C GLY A 52 -11.00 -5.25 -7.69
N GLU A 53 -11.41 -5.02 -6.45
CA GLU A 53 -12.81 -5.05 -6.07
C GLU A 53 -13.52 -3.83 -6.63
N ALA A 54 -14.84 -3.91 -6.69
CA ALA A 54 -15.60 -2.80 -7.24
C ALA A 54 -16.77 -2.51 -6.32
N LEU A 55 -17.02 -1.23 -6.06
CA LEU A 55 -18.04 -0.79 -5.13
C LEU A 55 -19.14 -0.12 -5.90
N MSE A 56 -20.36 -0.62 -5.73
CA MSE A 56 -21.55 0.00 -6.30
C MSE A 56 -22.17 0.91 -5.25
O MSE A 56 -22.37 0.47 -4.12
CB MSE A 56 -22.53 -1.12 -6.71
CG MSE A 56 -23.72 -0.69 -7.47
SE MSE A 56 -24.70 -2.30 -7.96
CE MSE A 56 -26.07 -1.48 -9.07
N VAL A 57 -22.46 2.16 -5.64
CA VAL A 57 -23.14 3.11 -4.77
C VAL A 57 -24.47 3.46 -5.43
N ILE A 58 -25.58 3.27 -4.70
CA ILE A 58 -26.93 3.30 -5.27
C ILE A 58 -27.73 4.39 -4.61
N ASN A 59 -28.23 5.31 -5.46
CA ASN A 59 -29.05 6.41 -5.02
C ASN A 59 -30.49 5.89 -4.98
N ARG A 60 -30.78 5.20 -3.87
CA ARG A 60 -32.01 4.45 -3.74
C ARG A 60 -33.25 5.30 -4.08
N ASP A 61 -33.35 6.46 -3.45
CA ASP A 61 -34.53 7.29 -3.64
C ASP A 61 -34.38 8.33 -4.75
N GLY A 62 -33.17 8.49 -5.27
CA GLY A 62 -32.97 9.19 -6.52
C GLY A 62 -32.48 10.62 -6.49
N SER A 63 -32.59 11.30 -5.35
CA SER A 63 -32.20 12.72 -5.26
C SER A 63 -31.12 12.99 -4.21
N GLN A 64 -30.47 11.95 -3.70
CA GLN A 64 -29.54 12.11 -2.57
C GLN A 64 -28.10 12.30 -3.05
N ILE A 65 -27.38 13.21 -2.39
CA ILE A 65 -25.96 13.41 -2.66
C ILE A 65 -25.13 12.50 -1.77
N GLY A 66 -24.11 11.86 -2.35
CA GLY A 66 -23.14 11.11 -1.54
C GLY A 66 -21.82 11.79 -1.57
N ASP A 67 -21.39 12.35 -0.44
CA ASP A 67 -20.03 12.89 -0.36
C ASP A 67 -19.07 11.70 -0.19
N PHE A 68 -18.13 11.59 -1.13
CA PHE A 68 -17.32 10.41 -1.33
C PHE A 68 -15.82 10.74 -1.23
N TRP A 69 -15.14 9.94 -0.42
CA TRP A 69 -13.69 10.02 -0.23
C TRP A 69 -13.04 8.63 -0.36
N ALA A 70 -11.74 8.61 -0.68
CA ALA A 70 -10.99 7.36 -0.63
C ALA A 70 -9.59 7.64 -0.16
N PHE A 71 -9.12 6.80 0.75
CA PHE A 71 -7.79 6.92 1.37
C PHE A 71 -7.03 5.63 1.09
N VAL A 72 -5.73 5.72 0.89
CA VAL A 72 -4.91 4.52 0.73
C VAL A 72 -4.90 3.73 2.04
N GLU A 73 -5.08 2.41 1.95
CA GLU A 73 -5.03 1.55 3.11
C GLU A 73 -3.69 1.72 3.82
N GLY A 74 -3.73 2.02 5.12
CA GLY A 74 -2.52 2.24 5.89
C GLY A 74 -1.94 3.64 5.79
N ASP A 75 -2.58 4.54 5.03
CA ASP A 75 -2.06 5.92 4.89
C ASP A 75 -3.14 6.90 4.51
N CYS A 76 -3.74 7.51 5.52
CA CYS A 76 -4.79 8.52 5.30
C CYS A 76 -4.22 9.83 4.71
N GLY A 77 -2.88 9.99 4.69
CA GLY A 77 -2.26 11.12 4.02
C GLY A 77 -2.22 11.05 2.50
N GLU A 78 -2.55 9.88 1.94
CA GLU A 78 -2.71 9.75 0.50
C GLU A 78 -4.20 9.42 0.23
N TYR A 79 -4.81 10.21 -0.64
CA TYR A 79 -6.24 10.15 -0.84
C TYR A 79 -6.62 10.58 -2.25
N LEU A 80 -7.78 10.10 -2.70
CA LEU A 80 -8.43 10.60 -3.90
C LEU A 80 -8.49 12.13 -3.82
N SER A 81 -7.94 12.83 -4.81
CA SER A 81 -7.69 14.27 -4.67
C SER A 81 -8.29 15.07 -5.80
N MSE A 82 -9.33 15.86 -5.53
CA MSE A 82 -10.05 16.53 -6.63
C MSE A 82 -9.13 17.44 -7.45
O MSE A 82 -9.23 17.49 -8.66
CB MSE A 82 -11.22 17.33 -6.08
CG MSE A 82 -12.35 16.49 -5.46
SE MSE A 82 -13.12 15.18 -6.58
CE MSE A 82 -12.13 13.69 -5.88
N GLU A 83 -8.23 18.16 -6.76
CA GLU A 83 -7.35 19.10 -7.46
C GLU A 83 -6.26 18.42 -8.29
N HIS A 84 -5.99 17.15 -8.01
CA HIS A 84 -5.11 16.32 -8.87
C HIS A 84 -5.90 15.57 -9.97
N LEU A 85 -7.12 15.18 -9.65
CA LEU A 85 -8.00 14.49 -10.61
C LEU A 85 -8.22 15.37 -11.87
N ARG A 86 -8.44 16.66 -11.63
CA ARG A 86 -8.81 17.57 -12.72
C ARG A 86 -7.69 17.76 -13.75
N PRO A 87 -6.47 18.12 -13.32
CA PRO A 87 -5.42 18.23 -14.36
C PRO A 87 -5.08 16.90 -15.02
N THR A 88 -5.22 15.78 -14.32
CA THR A 88 -4.88 14.50 -14.93
C THR A 88 -5.89 14.17 -16.05
N LEU A 89 -7.17 14.38 -15.81
CA LEU A 89 -8.20 14.13 -16.81
C LEU A 89 -8.43 15.28 -17.79
N ARG A 90 -7.87 16.45 -17.48
CA ARG A 90 -8.15 17.66 -18.23
C ARG A 90 -9.67 17.89 -18.31
N ARG A 91 -10.36 17.68 -17.19
CA ARG A 91 -11.82 17.78 -17.12
CA ARG A 91 -11.77 18.00 -17.12
C ARG A 91 -12.20 18.11 -15.68
N VAL A 92 -13.38 18.71 -15.50
CA VAL A 92 -13.80 19.12 -14.16
C VAL A 92 -14.42 17.99 -13.37
N SER A 93 -14.99 17.00 -14.04
CA SER A 93 -15.63 15.89 -13.33
C SER A 93 -15.53 14.61 -14.13
N PRO A 94 -15.56 13.47 -13.44
CA PRO A 94 -15.24 12.22 -14.10
C PRO A 94 -16.45 11.59 -14.83
N ARG A 95 -16.10 10.79 -15.84
CA ARG A 95 -17.05 10.06 -16.68
C ARG A 95 -16.68 8.56 -16.61
N PRO A 96 -17.62 7.66 -17.01
CA PRO A 96 -17.25 6.24 -17.07
C PRO A 96 -16.02 6.02 -17.94
N GLY A 97 -15.13 5.19 -17.41
CA GLY A 97 -13.85 4.91 -18.04
C GLY A 97 -12.69 5.71 -17.46
N ASP A 98 -12.98 6.75 -16.66
CA ASP A 98 -11.93 7.66 -16.20
C ASP A 98 -11.24 7.08 -14.97
N VAL A 99 -9.92 7.11 -15.02
CA VAL A 99 -9.08 6.74 -13.89
C VAL A 99 -8.93 7.97 -13.01
N LEU A 100 -9.19 7.79 -11.73
CA LEU A 100 -9.17 8.85 -10.71
C LEU A 100 -7.93 8.69 -9.88
N VAL A 101 -7.17 9.77 -9.73
CA VAL A 101 -5.91 9.73 -9.05
C VAL A 101 -5.90 10.28 -7.63
N SER A 102 -4.86 9.89 -6.93
CA SER A 102 -4.58 10.39 -5.58
C SER A 102 -3.75 11.68 -5.66
N ASN A 103 -3.44 12.21 -4.48
CA ASN A 103 -2.52 13.34 -4.39
C ASN A 103 -1.06 13.04 -4.75
N ARG A 104 -0.75 11.77 -5.02
CA ARG A 104 0.50 11.37 -5.68
C ARG A 104 0.36 11.22 -7.20
N ARG A 105 -0.81 11.56 -7.74
CA ARG A 105 -1.11 11.48 -9.19
C ARG A 105 -1.01 10.06 -9.72
N ARG A 106 -1.20 9.07 -8.84
CA ARG A 106 -1.30 7.69 -9.30
C ARG A 106 -2.73 7.20 -9.20
N PRO A 107 -3.08 6.20 -10.03
CA PRO A 107 -4.44 5.66 -9.95
C PRO A 107 -4.84 5.16 -8.56
N ILE A 108 -6.03 5.59 -8.11
CA ILE A 108 -6.61 5.08 -6.86
C ILE A 108 -7.94 4.37 -7.11
N LEU A 109 -8.75 4.92 -8.02
CA LEU A 109 -10.03 4.32 -8.39
C LEU A 109 -10.28 4.50 -9.86
N THR A 110 -11.09 3.62 -10.45
CA THR A 110 -11.61 3.86 -11.77
C THR A 110 -13.12 3.95 -11.70
N LEU A 111 -13.68 4.99 -12.30
CA LEU A 111 -15.15 5.09 -12.46
C LEU A 111 -15.57 4.20 -13.62
N LEU A 112 -16.15 3.06 -13.31
CA LEU A 112 -16.52 2.10 -14.34
C LEU A 112 -17.89 2.37 -14.99
N GLU A 113 -18.86 2.77 -14.18
CA GLU A 113 -20.24 2.89 -14.61
C GLU A 113 -20.89 4.08 -13.91
N ASP A 114 -21.82 4.70 -14.62
CA ASP A 114 -22.66 5.76 -14.07
C ASP A 114 -23.98 5.73 -14.88
N SER A 115 -25.07 5.27 -14.25
CA SER A 115 -26.34 5.15 -14.96
C SER A 115 -27.11 6.47 -15.06
N SER A 116 -26.65 7.50 -14.34
CA SER A 116 -27.32 8.79 -14.31
C SER A 116 -26.91 9.64 -15.51
N PRO A 117 -27.49 10.86 -15.60
CA PRO A 117 -27.07 11.77 -16.64
C PRO A 117 -25.63 12.23 -16.55
N GLY A 118 -24.90 11.95 -15.46
CA GLY A 118 -23.48 12.23 -15.39
C GLY A 118 -23.08 13.49 -14.67
N VAL A 119 -24.02 14.08 -13.94
CA VAL A 119 -23.80 15.31 -13.22
C VAL A 119 -23.30 14.98 -11.82
N HIS A 120 -22.12 15.48 -11.49
CA HIS A 120 -21.47 15.33 -10.18
C HIS A 120 -20.72 16.61 -9.90
N ASP A 121 -20.31 16.83 -8.67
CA ASP A 121 -19.49 18.01 -8.40
C ASP A 121 -18.18 17.64 -7.76
N THR A 122 -17.09 18.31 -8.19
CA THR A 122 -15.79 18.15 -7.56
C THR A 122 -15.26 19.46 -6.90
N LEU A 123 -16.05 20.52 -6.96
CA LEU A 123 -15.59 21.86 -6.60
CA LEU A 123 -15.59 21.86 -6.61
C LEU A 123 -15.87 22.26 -5.15
N VAL A 124 -16.87 21.66 -4.52
CA VAL A 124 -17.41 22.15 -3.27
C VAL A 124 -17.02 21.32 -2.05
N ALA A 125 -16.49 22.01 -1.03
CA ALA A 125 -16.12 21.39 0.23
C ALA A 125 -17.29 20.65 0.88
N SER A 126 -16.97 19.64 1.67
CA SER A 126 -18.01 19.00 2.46
C SER A 126 -18.60 19.97 3.50
N CYS A 127 -19.91 19.84 3.71
CA CYS A 127 -20.61 20.68 4.66
C CYS A 127 -20.09 20.34 6.07
N ASP A 128 -20.22 21.34 6.94
CA ASP A 128 -19.63 21.32 8.28
C ASP A 128 -20.45 22.25 9.17
N VAL A 129 -20.16 22.26 10.48
CA VAL A 129 -20.96 23.09 11.40
C VAL A 129 -20.93 24.56 11.03
N HIS A 130 -19.84 25.01 10.43
CA HIS A 130 -19.73 26.43 10.03
C HIS A 130 -20.65 26.80 8.89
N ARG A 131 -20.77 25.90 7.92
CA ARG A 131 -21.71 26.06 6.84
C ARG A 131 -23.14 26.19 7.38
N TYR A 132 -23.55 25.34 8.32
CA TYR A 132 -24.91 25.40 8.85
C TYR A 132 -25.16 26.67 9.68
N ALA A 133 -24.19 27.07 10.47
CA ALA A 133 -24.30 28.34 11.22
C ALA A 133 -24.50 29.49 10.23
N GLN A 134 -23.74 29.50 9.12
CA GLN A 134 -23.82 30.60 8.15
C GLN A 134 -25.13 30.63 7.36
N LEU A 135 -25.80 29.48 7.31
CA LEU A 135 -27.12 29.35 6.69
C LEU A 135 -28.23 29.62 7.70
N GLY A 136 -27.85 30.03 8.91
CA GLY A 136 -28.86 30.44 9.91
C GLY A 136 -29.36 29.35 10.84
N HIS A 137 -28.73 28.17 10.80
CA HIS A 137 -29.14 27.09 11.67
C HIS A 137 -28.69 27.34 13.11
N GLU A 138 -29.59 27.02 14.05
CA GLU A 138 -29.31 27.09 15.47
C GLU A 138 -29.04 25.70 16.04
N GLY A 139 -27.93 25.56 16.73
CA GLY A 139 -27.54 24.30 17.34
C GLY A 139 -26.78 23.42 16.37
N TYR A 140 -26.45 22.22 16.83
CA TYR A 140 -25.70 21.27 16.00
C TYR A 140 -26.56 20.84 14.82
N HIS A 141 -25.89 20.66 13.69
CA HIS A 141 -26.49 20.08 12.51
C HIS A 141 -25.56 18.96 12.03
N ASP A 142 -26.13 17.81 11.71
CA ASP A 142 -25.35 16.71 11.11
C ASP A 142 -24.64 17.29 9.90
N ASN A 143 -23.47 16.76 9.60
CA ASN A 143 -22.68 17.31 8.52
C ASN A 143 -21.68 16.32 8.00
N CYS A 144 -21.33 16.50 6.73
CA CYS A 144 -20.50 15.53 6.02
C CYS A 144 -19.09 15.47 6.56
N THR A 145 -18.55 16.62 6.97
CA THR A 145 -17.18 16.60 7.50
C THR A 145 -17.10 15.79 8.80
N ASP A 146 -18.09 15.98 9.67
CA ASP A 146 -18.15 15.17 10.90
C ASP A 146 -18.38 13.69 10.60
N ASN A 147 -19.23 13.42 9.60
CA ASN A 147 -19.49 12.04 9.20
C ASN A 147 -18.21 11.35 8.71
N LEU A 148 -17.37 12.05 7.92
CA LEU A 148 -16.06 11.54 7.54
C LEU A 148 -15.21 11.21 8.76
N ARG A 149 -15.12 12.17 9.67
CA ARG A 149 -14.31 12.01 10.85
C ARG A 149 -14.77 10.81 11.68
N MSE A 150 -16.07 10.70 11.85
CA MSE A 150 -16.62 9.63 12.66
C MSE A 150 -16.45 8.27 11.99
O MSE A 150 -16.14 7.28 12.64
CB MSE A 150 -18.10 9.88 12.93
CG MSE A 150 -18.36 10.94 13.98
SE MSE A 150 -20.25 11.09 14.40
CE MSE A 150 -20.77 12.63 13.38
N ALA A 151 -16.74 8.20 10.70
CA ALA A 151 -16.67 6.93 9.98
C ALA A 151 -15.25 6.36 9.99
N LEU A 152 -14.24 7.21 9.80
CA LEU A 152 -12.86 6.75 9.95
C LEU A 152 -12.57 6.33 11.39
N GLY A 153 -12.98 7.18 12.33
CA GLY A 153 -12.82 6.89 13.76
C GLY A 153 -13.39 5.54 14.16
N ALA A 154 -14.54 5.18 13.60
CA ALA A 154 -15.19 3.91 13.93
C ALA A 154 -14.35 2.71 13.50
N LEU A 155 -13.45 2.89 12.54
CA LEU A 155 -12.49 1.85 12.14
C LEU A 155 -11.10 2.03 12.81
N GLY A 156 -10.99 2.96 13.76
CA GLY A 156 -9.70 3.21 14.42
C GLY A 156 -8.70 4.00 13.57
N LEU A 157 -9.20 4.75 12.58
CA LEU A 157 -8.38 5.53 11.67
C LEU A 157 -8.55 7.02 11.95
N ARG A 158 -7.51 7.79 11.62
CA ARG A 158 -7.45 9.21 11.92
C ARG A 158 -7.02 9.97 10.67
N PRO A 159 -7.89 10.85 10.13
CA PRO A 159 -7.46 11.64 8.98
C PRO A 159 -6.50 12.72 9.43
N THR A 160 -5.54 13.03 8.58
CA THR A 160 -4.67 14.19 8.84
C THR A 160 -5.09 15.43 8.07
N THR A 161 -5.98 15.25 7.11
CA THR A 161 -6.59 16.38 6.43
C THR A 161 -8.00 15.96 6.02
N VAL A 162 -8.88 16.94 5.82
CA VAL A 162 -10.19 16.72 5.21
C VAL A 162 -10.04 17.04 3.72
N PRO A 163 -9.97 16.02 2.85
CA PRO A 163 -9.94 16.32 1.42
C PRO A 163 -11.28 16.88 0.93
N CYS A 164 -11.27 17.53 -0.21
CA CYS A 164 -12.56 17.88 -0.86
C CYS A 164 -13.26 16.55 -1.23
N PRO A 165 -14.57 16.42 -0.94
CA PRO A 165 -15.25 15.23 -1.40
C PRO A 165 -15.46 15.28 -2.91
N LEU A 166 -15.67 14.08 -3.47
CA LEU A 166 -16.36 13.91 -4.74
C LEU A 166 -17.86 13.89 -4.38
N ASN A 167 -18.64 14.88 -4.83
CA ASN A 167 -20.05 14.99 -4.47
C ASN A 167 -20.91 14.27 -5.49
N LEU A 168 -21.21 13.00 -5.20
CA LEU A 168 -21.93 12.18 -6.15
C LEU A 168 -23.37 12.70 -6.27
N TRP A 169 -23.76 12.93 -7.51
CA TRP A 169 -25.06 13.37 -7.93
C TRP A 169 -25.35 14.83 -7.66
N MSE A 170 -24.38 15.57 -7.12
CA MSE A 170 -24.58 17.00 -6.82
CA MSE A 170 -24.59 17.00 -6.82
C MSE A 170 -24.55 17.83 -8.10
O MSE A 170 -23.64 17.68 -8.94
CB MSE A 170 -23.49 17.48 -5.87
CB MSE A 170 -23.56 17.52 -5.84
CG MSE A 170 -23.44 18.99 -5.58
CG MSE A 170 -23.84 18.94 -5.33
SE MSE A 170 -22.58 19.23 -3.81
SE MSE A 170 -22.24 19.87 -4.64
CE MSE A 170 -22.43 21.17 -3.68
CE MSE A 170 -23.09 20.71 -3.10
N ASN A 171 -25.54 18.70 -8.24
CA ASN A 171 -25.74 19.55 -9.41
C ASN A 171 -25.52 21.00 -9.03
N THR A 172 -24.28 21.44 -9.20
CA THR A 172 -23.87 22.81 -8.91
C THR A 172 -23.24 23.41 -10.16
N PRO A 173 -24.11 23.86 -11.09
CA PRO A 173 -23.59 24.40 -12.33
C PRO A 173 -22.74 25.70 -12.18
N VAL A 174 -21.68 25.78 -12.96
CA VAL A 174 -20.88 27.01 -13.11
C VAL A 174 -21.23 27.58 -14.48
N VAL A 175 -21.64 28.84 -14.50
CA VAL A 175 -22.04 29.46 -15.74
C VAL A 175 -20.96 30.43 -16.23
N GLU A 176 -21.10 30.85 -17.49
CA GLU A 176 -20.25 31.89 -18.08
C GLU A 176 -20.18 33.05 -17.08
N GLY A 177 -18.95 33.48 -16.75
CA GLY A 177 -18.69 34.50 -15.74
C GLY A 177 -18.13 33.97 -14.41
N GLY A 178 -18.37 32.68 -14.14
CA GLY A 178 -17.81 32.01 -12.96
C GLY A 178 -18.77 31.75 -11.82
N ALA A 179 -20.00 32.29 -11.90
CA ALA A 179 -20.99 32.10 -10.86
C ALA A 179 -21.39 30.64 -10.70
N MSE A 180 -21.80 30.27 -9.49
CA MSE A 180 -22.29 28.92 -9.20
C MSE A 180 -23.68 28.92 -8.63
O MSE A 180 -24.07 29.82 -7.89
CB MSE A 180 -21.35 28.21 -8.22
CG MSE A 180 -19.96 28.09 -8.74
SE MSE A 180 -18.67 27.41 -7.48
CE MSE A 180 -19.49 25.68 -7.34
N GLU A 181 -24.44 27.88 -8.97
CA GLU A 181 -25.82 27.75 -8.53
C GLU A 181 -26.04 26.42 -7.80
N TRP A 182 -26.86 26.44 -6.76
CA TRP A 182 -27.20 25.25 -6.00
C TRP A 182 -28.56 24.75 -6.51
N ARG A 183 -28.57 23.64 -7.25
CA ARG A 183 -29.77 23.13 -7.92
C ARG A 183 -30.08 21.71 -7.50
N PRO A 184 -31.35 21.26 -7.64
CA PRO A 184 -31.65 19.87 -7.38
C PRO A 184 -30.95 18.92 -8.34
N PRO A 185 -30.72 17.71 -7.88
CA PRO A 185 -30.05 16.74 -8.73
C PRO A 185 -30.90 16.32 -9.96
N VAL A 186 -30.25 15.68 -10.92
CA VAL A 186 -30.92 15.16 -12.11
C VAL A 186 -30.87 13.65 -12.13
N SER A 187 -30.37 13.04 -11.07
CA SER A 187 -30.42 11.60 -10.93
C SER A 187 -31.84 11.08 -10.75
N ARG A 188 -32.01 9.79 -10.92
CA ARG A 188 -33.28 9.10 -10.81
C ARG A 188 -33.19 8.00 -9.76
N ARG A 189 -34.34 7.57 -9.26
CA ARG A 189 -34.43 6.47 -8.31
CA ARG A 189 -34.48 6.45 -8.34
C ARG A 189 -33.66 5.25 -8.81
N GLY A 190 -32.75 4.74 -7.98
CA GLY A 190 -31.99 3.58 -8.30
C GLY A 190 -30.75 3.80 -9.16
N ASP A 191 -30.46 5.03 -9.55
CA ASP A 191 -29.21 5.28 -10.28
C ASP A 191 -28.01 4.82 -9.46
N HIS A 192 -26.99 4.32 -10.14
CA HIS A 192 -25.80 3.85 -9.43
C HIS A 192 -24.51 4.35 -10.11
N VAL A 193 -23.43 4.31 -9.34
CA VAL A 193 -22.09 4.44 -9.87
C VAL A 193 -21.32 3.21 -9.39
N LEU A 194 -20.31 2.83 -10.16
CA LEU A 194 -19.47 1.67 -9.85
C LEU A 194 -18.02 2.11 -9.93
N PHE A 195 -17.27 1.90 -8.85
CA PHE A 195 -15.86 2.26 -8.74
C PHE A 195 -15.00 1.03 -8.52
N ARG A 196 -13.98 0.85 -9.34
CA ARG A 196 -13.01 -0.20 -9.10
C ARG A 196 -11.84 0.36 -8.30
N ALA A 197 -11.40 -0.35 -7.26
CA ALA A 197 -10.20 0.02 -6.50
C ALA A 197 -8.92 -0.34 -7.25
N GLU A 198 -8.03 0.63 -7.45
CA GLU A 198 -6.76 0.38 -8.13
C GLU A 198 -5.63 0.16 -7.12
N LEU A 199 -5.95 0.40 -5.86
CA LEU A 199 -5.06 0.16 -4.69
C LEU A 199 -5.96 -0.38 -3.58
N ASP A 200 -5.42 -0.98 -2.54
CA ASP A 200 -6.21 -1.23 -1.33
C ASP A 200 -6.55 0.12 -0.74
N VAL A 201 -7.83 0.32 -0.45
CA VAL A 201 -8.32 1.64 -0.01
C VAL A 201 -9.35 1.54 1.08
N VAL A 202 -9.54 2.65 1.76
CA VAL A 202 -10.66 2.87 2.67
C VAL A 202 -11.53 3.98 2.04
N VAL A 203 -12.73 3.61 1.60
CA VAL A 203 -13.70 4.55 1.05
C VAL A 203 -14.58 5.06 2.19
N VAL A 204 -14.96 6.34 2.13
CA VAL A 204 -15.95 6.87 3.08
C VAL A 204 -17.04 7.56 2.29
N ILE A 205 -18.28 7.26 2.63
CA ILE A 205 -19.45 7.91 2.05
C ILE A 205 -20.31 8.54 3.14
N SER A 206 -20.63 9.81 2.95
CA SER A 206 -21.58 10.50 3.80
C SER A 206 -22.83 10.86 3.02
N CYS A 207 -23.98 10.46 3.55
CA CYS A 207 -25.28 10.87 3.00
C CYS A 207 -25.54 12.29 3.43
N CYS A 208 -25.27 13.24 2.52
CA CYS A 208 -25.31 14.64 2.91
C CYS A 208 -26.64 15.01 3.57
N PRO A 209 -26.59 15.65 4.75
CA PRO A 209 -27.80 16.05 5.44
C PRO A 209 -28.29 17.45 5.10
N MSE A 210 -27.77 18.07 4.04
CA MSE A 210 -28.17 19.43 3.73
C MSE A 210 -29.67 19.46 3.47
O MSE A 210 -30.18 18.81 2.56
CB MSE A 210 -27.43 19.96 2.50
CG MSE A 210 -27.89 21.32 2.03
SE MSE A 210 -27.70 22.76 3.28
CE MSE A 210 -25.77 22.62 3.54
N ASP A 211 -30.36 20.23 4.30
CA ASP A 211 -31.81 20.32 4.22
C ASP A 211 -32.30 21.80 4.21
N LEU A 212 -31.36 22.73 4.01
CA LEU A 212 -31.66 24.19 3.92
C LEU A 212 -31.40 24.74 2.53
N LEU A 213 -30.93 23.88 1.63
CA LEU A 213 -30.80 24.16 0.20
C LEU A 213 -31.37 22.94 -0.52
N PRO A 214 -31.77 23.09 -1.80
CA PRO A 214 -32.41 22.00 -2.56
C PRO A 214 -31.46 20.93 -3.17
N ILE A 215 -30.22 20.82 -2.68
CA ILE A 215 -29.23 20.01 -3.35
C ILE A 215 -29.48 18.51 -3.21
N ASN A 216 -30.23 18.11 -2.18
CA ASN A 216 -30.72 16.73 -2.01
C ASN A 216 -32.17 16.54 -2.44
N GLY A 217 -32.59 17.39 -3.35
CA GLY A 217 -33.97 17.40 -3.83
C GLY A 217 -34.75 18.60 -3.33
N GLU A 218 -35.73 19.02 -4.12
CA GLU A 218 -36.54 20.21 -3.81
C GLU A 218 -37.25 20.10 -2.46
N GLU A 219 -37.66 18.88 -2.11
CA GLU A 219 -38.31 18.59 -0.82
C GLU A 219 -37.39 18.75 0.38
N ALA A 220 -36.09 18.79 0.16
CA ALA A 220 -35.10 19.02 1.23
C ALA A 220 -35.23 17.99 2.38
N GLN A 221 -35.36 16.72 1.99
CA GLN A 221 -35.56 15.63 2.94
C GLN A 221 -34.48 14.58 2.69
N PRO A 222 -33.32 14.72 3.35
CA PRO A 222 -32.20 13.81 3.10
C PRO A 222 -32.55 12.33 3.32
N ARG A 223 -32.01 11.50 2.42
CA ARG A 223 -32.32 10.08 2.36
CA ARG A 223 -32.32 10.08 2.34
C ARG A 223 -31.02 9.25 2.46
N ALA A 224 -31.16 7.93 2.46
CA ALA A 224 -30.06 6.98 2.58
C ALA A 224 -29.43 6.60 1.22
N LEU A 225 -28.31 5.90 1.27
CA LEU A 225 -27.68 5.35 0.06
C LEU A 225 -27.35 3.88 0.34
N ASP A 226 -27.48 3.04 -0.69
CA ASP A 226 -27.15 1.63 -0.55
C ASP A 226 -25.83 1.35 -1.26
N VAL A 227 -25.09 0.34 -0.79
CA VAL A 227 -23.84 -0.06 -1.42
C VAL A 227 -23.73 -1.57 -1.49
N ARG A 228 -22.98 -2.02 -2.50
CA ARG A 228 -22.65 -3.44 -2.69
C ARG A 228 -21.22 -3.53 -3.15
N LEU A 229 -20.45 -4.44 -2.54
CA LEU A 229 -19.06 -4.65 -2.91
C LEU A 229 -18.91 -5.92 -3.71
N ARG A 230 -18.42 -5.81 -4.95
CA ARG A 230 -18.14 -6.97 -5.80
C ARG A 230 -16.71 -7.42 -5.62
N PRO A 231 -16.49 -8.73 -5.45
CA PRO A 231 -15.13 -9.26 -5.37
C PRO A 231 -14.37 -9.05 -6.66
N ARG A 232 -13.07 -9.11 -6.52
CA ARG A 232 -12.16 -9.13 -7.63
C ARG A 232 -12.57 -10.23 -8.63
N PRO A 233 -12.58 -9.94 -9.94
CA PRO A 233 -12.97 -10.99 -10.93
C PRO A 233 -12.09 -12.25 -10.83
N ALA A 234 -12.68 -13.39 -11.16
CA ALA A 234 -11.99 -14.69 -11.10
C ALA A 234 -10.80 -14.66 -12.03
N SER B 4 9.32 3.40 -2.68
CA SER B 4 8.87 4.66 -3.33
C SER B 4 7.52 5.05 -2.70
N PHE B 5 6.43 4.54 -3.27
CA PHE B 5 5.12 4.73 -2.65
C PHE B 5 4.78 3.63 -1.64
N ASP B 6 5.75 2.78 -1.31
CA ASP B 6 5.65 1.95 -0.10
C ASP B 6 6.09 2.69 1.18
N ARG B 7 6.25 3.99 1.10
CA ARG B 7 6.29 4.85 2.29
C ARG B 7 5.03 5.74 2.25
N PRO B 8 4.53 6.13 3.43
CA PRO B 8 3.43 7.06 3.48
C PRO B 8 3.79 8.41 2.86
N PHE B 9 2.79 9.06 2.30
CA PHE B 9 2.95 10.39 1.79
C PHE B 9 3.28 11.34 2.95
N GLU B 10 4.22 12.24 2.72
CA GLU B 10 4.53 13.23 3.72
CA GLU B 10 4.63 13.24 3.70
C GLU B 10 4.37 14.64 3.15
N ALA B 11 3.34 15.31 3.62
CA ALA B 11 3.05 16.67 3.18
C ALA B 11 4.23 17.61 3.31
N ALA B 12 5.04 17.44 4.35
CA ALA B 12 6.12 18.38 4.63
C ALA B 12 7.45 18.10 3.95
N ARG B 13 7.62 16.88 3.40
CA ARG B 13 8.92 16.41 2.93
CA ARG B 13 8.95 16.44 2.93
C ARG B 13 9.20 16.81 1.48
N PRO B 14 10.18 17.70 1.24
CA PRO B 14 10.51 18.00 -0.15
C PRO B 14 11.10 16.79 -0.91
N ASP B 15 10.76 16.66 -2.18
CA ASP B 15 11.29 15.63 -3.07
C ASP B 15 12.64 16.02 -3.68
N GLY B 16 13.13 17.23 -3.41
CA GLY B 16 14.43 17.70 -3.88
C GLY B 16 14.71 19.04 -3.24
N GLU B 17 15.73 19.74 -3.74
CA GLU B 17 16.23 20.95 -3.11
CA GLU B 17 16.14 20.99 -3.12
C GLU B 17 16.47 22.07 -4.13
N ASN B 18 16.25 23.31 -3.70
CA ASN B 18 16.71 24.51 -4.39
C ASN B 18 16.92 25.53 -3.26
N PRO B 19 17.32 26.77 -3.58
CA PRO B 19 17.66 27.68 -2.51
C PRO B 19 16.50 28.08 -1.59
N SER B 20 15.26 27.75 -1.97
CA SER B 20 14.10 27.99 -1.09
C SER B 20 14.22 27.28 0.26
N ALA B 21 15.05 26.23 0.33
CA ALA B 21 15.22 25.49 1.58
C ALA B 21 15.93 26.34 2.63
N HIS B 22 16.72 27.30 2.14
CA HIS B 22 17.72 27.99 2.95
C HIS B 22 17.46 29.50 3.10
N GLU B 23 17.21 30.12 1.96
CA GLU B 23 17.20 31.57 1.84
CA GLU B 23 17.23 31.56 1.87
C GLU B 23 15.82 32.13 2.12
N THR B 24 15.70 33.08 3.04
CA THR B 24 14.45 33.79 3.35
C THR B 24 14.46 35.21 2.83
N LEU B 25 13.29 35.78 2.55
CA LEU B 25 13.26 37.18 2.05
C LEU B 25 13.83 38.18 3.05
N ALA B 26 13.44 37.98 4.30
CA ALA B 26 13.87 38.76 5.45
C ALA B 26 13.79 37.84 6.64
N GLU B 27 14.44 38.22 7.74
CA GLU B 27 14.42 37.42 8.96
C GLU B 27 12.98 37.12 9.40
N GLY B 28 12.68 35.85 9.63
CA GLY B 28 11.35 35.44 10.07
C GLY B 28 10.23 35.63 9.05
N GLY B 29 10.62 35.93 7.82
CA GLY B 29 9.65 36.34 6.79
C GLY B 29 8.95 37.66 7.06
N ARG B 30 9.52 38.48 7.94
CA ARG B 30 8.88 39.72 8.31
C ARG B 30 9.42 40.85 7.45
N LEU B 31 8.71 41.16 6.39
CA LEU B 31 9.20 42.11 5.40
C LEU B 31 9.19 43.52 5.99
N ARG B 32 10.15 44.33 5.55
CA ARG B 32 10.10 45.75 5.88
C ARG B 32 9.00 46.42 5.08
N PRO B 33 8.10 47.15 5.75
CA PRO B 33 7.04 47.76 4.95
C PRO B 33 7.54 48.69 3.86
N GLU B 34 6.87 48.64 2.73
CA GLU B 34 7.12 49.53 1.59
C GLU B 34 8.41 49.23 0.81
N ALA B 35 9.12 48.18 1.19
CA ALA B 35 10.27 47.70 0.44
C ALA B 35 9.84 46.63 -0.55
N THR B 36 10.45 46.67 -1.72
CA THR B 36 10.19 45.67 -2.76
C THR B 36 11.12 44.49 -2.54
N TYR B 37 10.54 43.30 -2.48
CA TYR B 37 11.26 42.03 -2.42
C TYR B 37 10.95 41.21 -3.66
N THR B 38 11.82 40.25 -3.94
CA THR B 38 11.69 39.37 -5.09
C THR B 38 11.76 37.90 -4.70
N ILE B 39 10.75 37.17 -5.11
CA ILE B 39 10.76 35.72 -5.04
C ILE B 39 11.41 35.25 -6.33
N PRO B 40 12.59 34.63 -6.23
CA PRO B 40 13.29 34.25 -7.47
C PRO B 40 12.51 33.27 -8.35
N ALA B 41 12.79 33.32 -9.65
CA ALA B 41 12.23 32.36 -10.59
C ALA B 41 12.47 30.95 -10.08
N ARG B 42 11.43 30.12 -10.21
CA ARG B 42 11.46 28.71 -9.90
C ARG B 42 11.47 28.38 -8.40
N GLN B 43 11.39 29.39 -7.55
CA GLN B 43 11.54 29.24 -6.10
C GLN B 43 10.27 29.70 -5.35
N GLY B 44 10.25 29.42 -4.05
CA GLY B 44 9.16 29.86 -3.17
C GLY B 44 9.71 30.54 -1.95
N ARG B 45 8.89 31.44 -1.38
CA ARG B 45 9.19 32.14 -0.14
C ARG B 45 7.95 32.33 0.70
N ALA B 46 8.18 32.30 2.03
CA ALA B 46 7.17 32.60 3.03
C ALA B 46 7.25 34.04 3.54
N ILE B 47 6.06 34.59 3.79
CA ILE B 47 5.89 35.99 4.19
C ILE B 47 4.92 36.05 5.37
N ARG B 48 5.37 36.57 6.51
CA ARG B 48 4.48 36.78 7.65
C ARG B 48 3.75 38.11 7.49
N MSE B 49 2.43 38.09 7.74
CA MSE B 49 1.64 39.29 7.74
C MSE B 49 0.82 39.39 9.01
O MSE B 49 0.20 38.41 9.43
CB MSE B 49 0.62 39.26 6.62
CG MSE B 49 1.20 39.08 5.22
SE MSE B 49 -0.18 39.05 3.86
CE MSE B 49 -0.74 40.93 4.01
N ALA B 50 0.81 40.58 9.62
CA ALA B 50 -0.13 40.84 10.72
C ALA B 50 -1.51 41.20 10.17
N GLN B 51 -2.55 40.84 10.91
CA GLN B 51 -3.90 41.26 10.59
C GLN B 51 -3.91 42.75 10.25
N GLY B 52 -4.56 43.09 9.15
CA GLY B 52 -4.70 44.47 8.69
C GLY B 52 -3.62 44.93 7.71
N GLU B 53 -2.46 44.26 7.72
CA GLU B 53 -1.44 44.51 6.70
C GLU B 53 -1.92 44.03 5.33
N ALA B 54 -1.34 44.57 4.26
CA ALA B 54 -1.69 44.18 2.89
C ALA B 54 -0.45 43.90 2.10
N LEU B 55 -0.58 42.98 1.17
CA LEU B 55 0.54 42.48 0.37
C LEU B 55 0.25 42.62 -1.09
N MSE B 56 1.14 43.31 -1.78
CA MSE B 56 1.11 43.38 -3.25
CA MSE B 56 1.15 43.40 -3.23
C MSE B 56 1.93 42.22 -3.78
O MSE B 56 3.04 41.96 -3.30
CB MSE B 56 1.79 44.63 -3.77
CB MSE B 56 1.90 44.67 -3.62
CG MSE B 56 1.08 45.89 -3.56
CG MSE B 56 1.26 45.91 -3.10
SE MSE B 56 2.07 47.35 -4.30
SE MSE B 56 0.07 46.55 -4.45
CE MSE B 56 1.69 46.94 -6.07
CE MSE B 56 1.52 47.01 -5.65
N VAL B 57 1.40 41.53 -4.80
CA VAL B 57 2.13 40.53 -5.57
C VAL B 57 2.12 41.03 -7.03
N ILE B 58 3.33 41.20 -7.59
CA ILE B 58 3.51 41.91 -8.86
C ILE B 58 4.10 40.97 -9.89
N ASN B 59 3.37 40.80 -10.98
CA ASN B 59 3.80 39.99 -12.10
C ASN B 59 4.69 40.86 -12.99
N ARG B 60 5.93 40.99 -12.55
CA ARG B 60 6.87 41.94 -13.14
C ARG B 60 6.97 41.80 -14.67
N ASP B 61 7.19 40.59 -15.14
CA ASP B 61 7.39 40.38 -16.56
C ASP B 61 6.07 40.10 -17.31
N GLY B 62 4.99 39.78 -16.59
CA GLY B 62 3.65 39.80 -17.16
C GLY B 62 3.02 38.46 -17.51
N SER B 63 3.81 37.38 -17.53
CA SER B 63 3.30 36.06 -17.93
C SER B 63 3.55 34.98 -16.91
N GLN B 64 3.98 35.36 -15.70
CA GLN B 64 4.37 34.39 -14.69
C GLN B 64 3.21 34.01 -13.79
N ILE B 65 3.10 32.72 -13.46
CA ILE B 65 2.08 32.25 -12.50
C ILE B 65 2.69 32.23 -11.10
N GLY B 66 1.91 32.71 -10.13
CA GLY B 66 2.30 32.58 -8.74
C GLY B 66 1.35 31.66 -8.00
N ASP B 67 1.86 30.54 -7.54
CA ASP B 67 1.04 29.64 -6.71
C ASP B 67 1.05 30.19 -5.31
N PHE B 68 -0.14 30.43 -4.76
CA PHE B 68 -0.33 31.23 -3.56
C PHE B 68 -1.12 30.45 -2.49
N TRP B 69 -0.57 30.46 -1.28
CA TRP B 69 -1.17 29.84 -0.14
C TRP B 69 -1.16 30.81 1.03
N ALA B 70 -2.01 30.55 2.01
CA ALA B 70 -1.92 31.28 3.27
C ALA B 70 -2.38 30.38 4.40
N PHE B 71 -1.61 30.43 5.48
CA PHE B 71 -1.83 29.62 6.68
C PHE B 71 -2.02 30.55 7.89
N VAL B 72 -2.87 30.15 8.82
CA VAL B 72 -3.02 30.92 10.06
C VAL B 72 -1.68 30.88 10.85
N GLU B 73 -1.25 32.05 11.34
CA GLU B 73 -0.06 32.09 12.18
C GLU B 73 -0.26 31.20 13.42
N GLY B 74 0.68 30.30 13.61
CA GLY B 74 0.63 29.35 14.71
C GLY B 74 -0.17 28.09 14.42
N ASP B 75 -0.81 27.99 13.25
CA ASP B 75 -1.62 26.81 12.94
C ASP B 75 -1.67 26.50 11.43
N CYS B 76 -0.72 25.71 10.92
CA CYS B 76 -0.73 25.40 9.51
C CYS B 76 -1.90 24.49 9.13
N GLY B 77 -2.62 23.98 10.13
CA GLY B 77 -3.86 23.19 9.89
C GLY B 77 -5.06 23.99 9.42
N GLU B 78 -4.98 25.33 9.58
CA GLU B 78 -6.02 26.22 9.10
C GLU B 78 -5.39 27.08 7.98
N TYR B 79 -6.05 27.10 6.82
CA TYR B 79 -5.46 27.66 5.62
C TYR B 79 -6.51 28.18 4.68
N LEU B 80 -6.11 29.10 3.83
CA LEU B 80 -6.93 29.54 2.71
C LEU B 80 -7.31 28.31 1.90
N SER B 81 -8.60 28.10 1.66
CA SER B 81 -9.06 26.81 1.12
C SER B 81 -9.94 26.98 -0.09
N MSE B 82 -9.45 26.56 -1.26
CA MSE B 82 -10.18 26.79 -2.50
C MSE B 82 -11.59 26.21 -2.48
O MSE B 82 -12.54 26.84 -2.97
CB MSE B 82 -9.43 26.21 -3.70
CG MSE B 82 -8.06 26.89 -4.01
SE MSE B 82 -8.14 28.81 -4.24
CE MSE B 82 -7.61 29.39 -2.48
N GLU B 83 -11.72 24.99 -1.96
CA GLU B 83 -13.02 24.31 -1.95
C GLU B 83 -14.01 24.91 -0.97
N HIS B 84 -13.54 25.72 -0.01
CA HIS B 84 -14.44 26.50 0.87
C HIS B 84 -14.70 27.90 0.33
N LEU B 85 -13.69 28.45 -0.35
CA LEU B 85 -13.80 29.74 -1.01
C LEU B 85 -14.97 29.77 -1.99
N ARG B 86 -15.05 28.73 -2.81
CA ARG B 86 -16.04 28.69 -3.90
C ARG B 86 -17.49 28.71 -3.40
N PRO B 87 -17.90 27.81 -2.49
CA PRO B 87 -19.31 27.91 -2.01
C PRO B 87 -19.60 29.21 -1.24
N THR B 88 -18.59 29.77 -0.58
CA THR B 88 -18.80 31.00 0.16
C THR B 88 -19.09 32.20 -0.77
N LEU B 89 -18.39 32.26 -1.90
CA LEU B 89 -18.56 33.32 -2.89
C LEU B 89 -19.62 32.99 -3.93
N ARG B 90 -19.99 31.72 -4.02
CA ARG B 90 -20.79 31.20 -5.16
C ARG B 90 -20.15 31.59 -6.48
N ARG B 91 -18.83 31.42 -6.55
CA ARG B 91 -18.04 31.74 -7.73
CA ARG B 91 -18.07 31.73 -7.74
C ARG B 91 -16.83 30.83 -7.76
N VAL B 92 -16.36 30.50 -8.97
CA VAL B 92 -15.22 29.59 -9.10
CA VAL B 92 -15.21 29.60 -9.15
C VAL B 92 -13.89 30.27 -8.76
N SER B 93 -13.78 31.58 -8.99
CA SER B 93 -12.57 32.29 -8.62
C SER B 93 -12.86 33.69 -8.12
N PRO B 94 -11.94 34.24 -7.32
CA PRO B 94 -12.25 35.49 -6.64
C PRO B 94 -11.99 36.73 -7.46
N ARG B 95 -12.67 37.80 -7.06
CA ARG B 95 -12.52 39.11 -7.67
CA ARG B 95 -12.61 39.12 -7.66
C ARG B 95 -12.30 40.14 -6.58
N PRO B 96 -11.72 41.29 -6.95
CA PRO B 96 -11.57 42.32 -5.94
C PRO B 96 -12.86 42.63 -5.23
N GLY B 97 -12.71 42.80 -3.93
CA GLY B 97 -13.80 42.96 -2.99
C GLY B 97 -14.17 41.67 -2.27
N ASP B 98 -13.76 40.53 -2.82
CA ASP B 98 -14.14 39.24 -2.23
C ASP B 98 -13.31 38.91 -0.99
N VAL B 99 -14.02 38.47 0.02
CA VAL B 99 -13.42 37.96 1.24
C VAL B 99 -13.16 36.47 1.04
N LEU B 100 -11.91 36.06 1.22
CA LEU B 100 -11.44 34.69 0.99
C LEU B 100 -11.38 33.98 2.32
N VAL B 101 -11.95 32.78 2.40
CA VAL B 101 -12.09 32.07 3.63
C VAL B 101 -11.11 30.91 3.78
N SER B 102 -10.90 30.55 5.03
CA SER B 102 -10.14 29.37 5.36
C SER B 102 -11.03 28.11 5.31
N ASN B 103 -10.41 26.99 5.65
CA ASN B 103 -11.13 25.74 5.79
C ASN B 103 -12.11 25.74 6.99
N ARG B 104 -12.07 26.78 7.83
CA ARG B 104 -13.15 27.04 8.81
C ARG B 104 -14.26 27.94 8.34
N ARG B 105 -14.21 28.40 7.11
CA ARG B 105 -15.21 29.29 6.51
C ARG B 105 -15.22 30.66 7.16
N ARG B 106 -14.10 31.04 7.76
CA ARG B 106 -13.95 32.40 8.27
C ARG B 106 -12.96 33.19 7.42
N PRO B 107 -13.10 34.51 7.42
CA PRO B 107 -12.20 35.30 6.61
C PRO B 107 -10.73 35.14 7.00
N ILE B 108 -9.90 34.94 5.99
CA ILE B 108 -8.46 34.88 6.18
C ILE B 108 -7.75 36.02 5.41
N LEU B 109 -8.26 36.36 4.22
CA LEU B 109 -7.72 37.42 3.38
C LEU B 109 -8.86 38.09 2.66
N THR B 110 -8.66 39.33 2.22
CA THR B 110 -9.57 39.98 1.29
C THR B 110 -8.75 40.34 0.07
N LEU B 111 -9.25 39.98 -1.10
CA LEU B 111 -8.65 40.42 -2.36
C LEU B 111 -9.13 41.85 -2.62
N LEU B 112 -8.21 42.81 -2.58
CA LEU B 112 -8.52 44.24 -2.70
C LEU B 112 -8.39 44.81 -4.10
N GLU B 113 -7.42 44.36 -4.87
CA GLU B 113 -7.13 44.90 -6.19
C GLU B 113 -6.64 43.83 -7.15
N ASP B 114 -6.97 43.99 -8.43
CA ASP B 114 -6.44 43.16 -9.49
C ASP B 114 -6.44 43.98 -10.75
N SER B 115 -5.26 44.33 -11.25
CA SER B 115 -5.13 45.16 -12.43
C SER B 115 -5.35 44.43 -13.74
N SER B 116 -5.38 43.10 -13.67
CA SER B 116 -5.49 42.25 -14.87
C SER B 116 -6.96 42.02 -15.18
N PRO B 117 -7.25 41.26 -16.26
CA PRO B 117 -8.63 40.86 -16.57
C PRO B 117 -9.32 39.94 -15.55
N GLY B 118 -8.60 39.48 -14.53
CA GLY B 118 -9.21 38.73 -13.45
C GLY B 118 -9.23 37.24 -13.62
N VAL B 119 -8.37 36.75 -14.51
CA VAL B 119 -8.24 35.32 -14.75
C VAL B 119 -7.21 34.72 -13.80
N HIS B 120 -7.69 33.80 -12.98
CA HIS B 120 -6.88 33.03 -12.04
C HIS B 120 -7.48 31.65 -11.89
N ASP B 121 -6.67 30.67 -11.53
CA ASP B 121 -7.20 29.34 -11.37
C ASP B 121 -7.27 28.93 -9.90
N THR B 122 -8.37 28.30 -9.50
CA THR B 122 -8.53 27.73 -8.17
C THR B 122 -8.69 26.21 -8.22
N LEU B 123 -8.63 25.62 -9.43
CA LEU B 123 -9.02 24.21 -9.67
C LEU B 123 -7.85 23.22 -9.64
N VAL B 124 -6.60 23.68 -9.89
CA VAL B 124 -5.50 22.79 -10.25
C VAL B 124 -4.44 22.72 -9.14
N ALA B 125 -4.12 21.50 -8.74
CA ALA B 125 -3.06 21.26 -7.73
C ALA B 125 -1.74 21.89 -8.15
N SER B 126 -0.91 22.21 -7.16
CA SER B 126 0.42 22.68 -7.41
C SER B 126 1.25 21.60 -8.08
N CYS B 127 2.12 22.01 -9.01
CA CYS B 127 2.97 21.05 -9.70
C CYS B 127 3.90 20.37 -8.66
N ASP B 128 4.35 19.17 -9.02
CA ASP B 128 5.14 18.33 -8.15
C ASP B 128 5.97 17.41 -9.02
N VAL B 129 6.86 16.62 -8.40
CA VAL B 129 7.74 15.78 -9.17
C VAL B 129 6.97 14.78 -10.02
N HIS B 130 5.80 14.36 -9.56
CA HIS B 130 5.02 13.36 -10.31
C HIS B 130 4.49 13.96 -11.57
N ARG B 131 4.04 15.20 -11.50
CA ARG B 131 3.56 15.92 -12.68
C ARG B 131 4.65 15.99 -13.75
N TYR B 132 5.86 16.37 -13.35
CA TYR B 132 6.96 16.51 -14.31
C TYR B 132 7.36 15.17 -14.88
N ALA B 133 7.39 14.14 -14.06
CA ALA B 133 7.65 12.81 -14.61
C ALA B 133 6.61 12.39 -15.66
N GLN B 134 5.35 12.70 -15.41
CA GLN B 134 4.26 12.35 -16.32
C GLN B 134 4.28 13.16 -17.60
N LEU B 135 4.92 14.32 -17.58
CA LEU B 135 5.06 15.16 -18.77
C LEU B 135 6.38 14.84 -19.50
N GLY B 136 7.07 13.78 -19.06
CA GLY B 136 8.24 13.23 -19.73
C GLY B 136 9.60 13.71 -19.26
N HIS B 137 9.66 14.48 -18.18
CA HIS B 137 10.92 15.04 -17.71
C HIS B 137 11.76 13.98 -17.01
N GLU B 138 13.08 14.01 -17.25
CA GLU B 138 13.98 13.07 -16.60
C GLU B 138 14.68 13.73 -15.42
N GLY B 139 14.63 13.08 -14.26
CA GLY B 139 15.27 13.59 -13.05
C GLY B 139 14.43 14.65 -12.34
N TYR B 140 15.06 15.34 -11.39
CA TYR B 140 14.36 16.33 -10.56
C TYR B 140 14.00 17.55 -11.37
N HIS B 141 12.80 18.08 -11.12
CA HIS B 141 12.40 19.37 -11.69
C HIS B 141 11.92 20.19 -10.51
N ASP B 142 12.36 21.46 -10.47
CA ASP B 142 11.80 22.38 -9.48
C ASP B 142 10.28 22.31 -9.56
N ASN B 143 9.60 22.49 -8.42
CA ASN B 143 8.14 22.36 -8.44
C ASN B 143 7.51 23.13 -7.28
N CYS B 144 6.25 23.55 -7.44
CA CYS B 144 5.60 24.43 -6.50
C CYS B 144 5.32 23.74 -5.19
N THR B 145 5.01 22.44 -5.22
CA THR B 145 4.76 21.71 -3.96
C THR B 145 6.01 21.67 -3.08
N ASP B 146 7.15 21.36 -3.69
CA ASP B 146 8.43 21.40 -2.95
C ASP B 146 8.77 22.82 -2.49
N ASN B 147 8.49 23.81 -3.34
CA ASN B 147 8.72 25.18 -2.94
C ASN B 147 7.90 25.57 -1.73
N LEU B 148 6.66 25.12 -1.66
CA LEU B 148 5.84 25.34 -0.48
C LEU B 148 6.50 24.73 0.75
N ARG B 149 6.86 23.48 0.64
CA ARG B 149 7.45 22.74 1.75
C ARG B 149 8.72 23.41 2.25
N MSE B 150 9.56 23.78 1.31
CA MSE B 150 10.86 24.40 1.64
C MSE B 150 10.67 25.79 2.23
O MSE B 150 11.33 26.14 3.21
CB MSE B 150 11.74 24.50 0.41
CG MSE B 150 12.34 23.18 -0.05
SE MSE B 150 13.61 23.41 -1.48
CE MSE B 150 12.51 22.97 -2.98
N ALA B 151 9.79 26.57 1.64
CA ALA B 151 9.56 27.94 2.14
C ALA B 151 9.09 27.97 3.61
N LEU B 152 8.21 27.03 3.95
CA LEU B 152 7.73 26.91 5.31
C LEU B 152 8.86 26.37 6.21
N GLY B 153 9.60 25.40 5.70
CA GLY B 153 10.72 24.83 6.44
C GLY B 153 11.78 25.87 6.77
N ALA B 154 12.01 26.81 5.85
CA ALA B 154 13.00 27.87 6.06
C ALA B 154 12.65 28.79 7.24
N LEU B 155 11.37 28.81 7.64
CA LEU B 155 10.87 29.54 8.84
C LEU B 155 10.67 28.63 10.06
N GLY B 156 11.07 27.38 9.95
CA GLY B 156 10.90 26.44 11.04
C GLY B 156 9.52 25.84 11.17
N LEU B 157 8.75 25.90 10.08
CA LEU B 157 7.36 25.47 10.07
C LEU B 157 7.23 24.19 9.25
N ARG B 158 6.15 23.45 9.46
CA ARG B 158 5.88 22.22 8.73
C ARG B 158 4.38 22.18 8.41
N PRO B 159 4.04 22.07 7.12
CA PRO B 159 2.62 21.89 6.80
C PRO B 159 2.16 20.47 7.11
N THR B 160 0.90 20.34 7.46
CA THR B 160 0.31 19.01 7.68
C THR B 160 -0.53 18.54 6.50
N THR B 161 -0.76 19.45 5.56
CA THR B 161 -1.34 19.09 4.27
C THR B 161 -0.87 20.10 3.25
N VAL B 162 -0.95 19.71 1.99
CA VAL B 162 -0.69 20.59 0.87
C VAL B 162 -2.04 21.06 0.36
N PRO B 163 -2.45 22.30 0.70
CA PRO B 163 -3.68 22.79 0.14
C PRO B 163 -3.56 23.02 -1.35
N CYS B 164 -4.69 23.05 -2.04
CA CYS B 164 -4.70 23.53 -3.41
C CYS B 164 -4.24 24.99 -3.43
N PRO B 165 -3.32 25.35 -4.33
CA PRO B 165 -2.94 26.76 -4.41
C PRO B 165 -4.04 27.57 -5.06
N LEU B 166 -3.95 28.88 -4.85
CA LEU B 166 -4.60 29.87 -5.69
C LEU B 166 -3.54 30.19 -6.75
N ASN B 167 -3.79 29.82 -8.01
CA ASN B 167 -2.81 30.00 -9.08
C ASN B 167 -3.04 31.34 -9.73
N LEU B 168 -2.30 32.32 -9.23
CA LEU B 168 -2.40 33.69 -9.70
C LEU B 168 -1.92 33.79 -11.13
N TRP B 169 -2.79 34.37 -11.95
CA TRP B 169 -2.63 34.65 -13.38
C TRP B 169 -2.74 33.42 -14.29
N MSE B 170 -3.03 32.25 -13.73
CA MSE B 170 -3.14 31.03 -14.52
CA MSE B 170 -3.13 31.03 -14.51
C MSE B 170 -4.47 30.97 -15.26
O MSE B 170 -5.51 31.14 -14.66
CB MSE B 170 -2.96 29.78 -13.64
CB MSE B 170 -2.98 29.80 -13.61
CG MSE B 170 -2.92 28.48 -14.47
CG MSE B 170 -3.04 28.46 -14.35
SE MSE B 170 -3.10 26.87 -13.36
SE MSE B 170 -2.18 27.12 -13.23
CE MSE B 170 -2.32 25.60 -14.59
CE MSE B 170 -2.94 25.48 -13.96
N ASN B 171 -4.37 30.69 -16.54
CA ASN B 171 -5.51 30.66 -17.47
C ASN B 171 -5.77 29.24 -17.93
N THR B 172 -6.58 28.52 -17.14
CA THR B 172 -6.91 27.13 -17.42
CA THR B 172 -6.91 27.13 -17.40
C THR B 172 -8.42 27.00 -17.26
N PRO B 173 -9.18 27.54 -18.22
CA PRO B 173 -10.63 27.58 -18.10
C PRO B 173 -11.32 26.24 -18.32
N VAL B 174 -12.47 26.10 -17.67
CA VAL B 174 -13.44 25.03 -17.98
C VAL B 174 -14.27 25.54 -19.13
N VAL B 175 -14.27 24.79 -20.23
CA VAL B 175 -14.97 25.25 -21.44
C VAL B 175 -16.28 24.48 -21.59
N GLU B 176 -17.00 24.80 -22.67
CA GLU B 176 -18.26 24.11 -22.98
C GLU B 176 -18.10 22.60 -22.93
N GLY B 177 -18.95 21.93 -22.14
CA GLY B 177 -18.94 20.49 -22.02
C GLY B 177 -18.05 19.87 -20.96
N GLY B 178 -17.27 20.68 -20.23
CA GLY B 178 -16.56 20.17 -19.05
C GLY B 178 -15.04 20.00 -19.17
N ALA B 179 -14.49 20.08 -20.37
CA ALA B 179 -13.04 19.95 -20.52
C ALA B 179 -12.34 21.19 -19.97
N MSE B 180 -11.07 21.02 -19.65
CA MSE B 180 -10.21 22.12 -19.27
C MSE B 180 -9.11 22.31 -20.30
O MSE B 180 -8.62 21.34 -20.86
CB MSE B 180 -9.63 21.87 -17.88
CG MSE B 180 -10.70 21.88 -16.80
SE MSE B 180 -10.02 21.49 -15.09
CE MSE B 180 -8.96 23.10 -14.75
N GLU B 181 -8.75 23.57 -20.54
CA GLU B 181 -7.69 23.94 -21.47
C GLU B 181 -6.53 24.66 -20.79
N TRP B 182 -5.31 24.41 -21.24
CA TRP B 182 -4.11 25.04 -20.71
C TRP B 182 -3.67 26.13 -21.69
N ARG B 183 -3.89 27.38 -21.32
CA ARG B 183 -3.67 28.54 -22.18
C ARG B 183 -2.63 29.47 -21.58
N PRO B 184 -1.98 30.32 -22.40
CA PRO B 184 -1.14 31.36 -21.85
C PRO B 184 -1.93 32.39 -21.04
N PRO B 185 -1.29 33.03 -20.06
CA PRO B 185 -1.95 34.07 -19.27
C PRO B 185 -2.37 35.26 -20.13
N VAL B 186 -3.37 36.00 -19.62
CA VAL B 186 -3.87 37.23 -20.25
C VAL B 186 -3.45 38.47 -19.47
N SER B 187 -2.61 38.27 -18.46
CA SER B 187 -1.96 39.35 -17.74
C SER B 187 -0.89 40.03 -18.61
N ARG B 188 -0.47 41.20 -18.13
CA ARG B 188 0.50 42.05 -18.82
C ARG B 188 1.59 42.43 -17.85
N ARG B 189 2.72 42.86 -18.40
CA ARG B 189 3.82 43.38 -17.65
C ARG B 189 3.35 44.33 -16.56
N GLY B 190 3.73 44.02 -15.32
CA GLY B 190 3.46 44.88 -14.18
C GLY B 190 2.12 44.68 -13.51
N ASP B 191 1.28 43.79 -14.03
CA ASP B 191 0.00 43.55 -13.35
C ASP B 191 0.24 43.09 -11.91
N HIS B 192 -0.66 43.49 -11.03
CA HIS B 192 -0.54 43.20 -9.60
C HIS B 192 -1.89 42.78 -9.04
N VAL B 193 -1.82 42.07 -7.92
CA VAL B 193 -2.95 41.87 -7.03
C VAL B 193 -2.54 42.39 -5.64
N LEU B 194 -3.54 42.74 -4.82
CA LEU B 194 -3.34 43.22 -3.46
C LEU B 194 -4.27 42.45 -2.53
N PHE B 195 -3.69 41.83 -1.50
CA PHE B 195 -4.44 41.10 -0.48
C PHE B 195 -4.31 41.77 0.89
N ARG B 196 -5.40 41.87 1.62
CA ARG B 196 -5.36 42.30 3.02
C ARG B 196 -5.48 41.08 3.89
N ALA B 197 -4.63 40.96 4.91
CA ALA B 197 -4.73 39.87 5.89
C ALA B 197 -5.86 40.13 6.88
N GLU B 198 -6.77 39.18 7.03
CA GLU B 198 -7.86 39.31 8.00
C GLU B 198 -7.56 38.64 9.31
N LEU B 199 -6.46 37.88 9.34
CA LEU B 199 -5.89 37.22 10.53
C LEU B 199 -4.38 37.38 10.42
N ASP B 200 -3.63 37.11 11.49
CA ASP B 200 -2.20 36.97 11.38
C ASP B 200 -1.97 35.66 10.59
N VAL B 201 -1.17 35.77 9.55
CA VAL B 201 -0.96 34.67 8.62
C VAL B 201 0.48 34.50 8.16
N VAL B 202 0.77 33.32 7.62
CA VAL B 202 1.98 33.06 6.86
C VAL B 202 1.51 32.81 5.44
N VAL B 203 1.89 33.69 4.53
CA VAL B 203 1.66 33.54 3.09
C VAL B 203 2.83 32.83 2.47
N VAL B 204 2.56 31.96 1.49
CA VAL B 204 3.63 31.34 0.72
C VAL B 204 3.36 31.54 -0.74
N ILE B 205 4.37 31.99 -1.49
CA ILE B 205 4.25 32.14 -2.95
C ILE B 205 5.36 31.39 -3.63
N SER B 206 4.97 30.53 -4.59
CA SER B 206 5.91 29.88 -5.48
C SER B 206 5.83 30.46 -6.90
N CYS B 207 6.96 30.85 -7.46
CA CYS B 207 7.07 31.20 -8.87
C CYS B 207 7.11 29.93 -9.68
N CYS B 208 5.96 29.58 -10.26
CA CYS B 208 5.81 28.28 -10.89
C CYS B 208 6.89 28.03 -11.96
N PRO B 209 7.62 26.90 -11.87
CA PRO B 209 8.70 26.61 -12.82
C PRO B 209 8.23 25.83 -14.05
N MSE B 210 6.92 25.72 -14.24
CA MSE B 210 6.40 24.94 -15.38
C MSE B 210 6.96 25.49 -16.66
O MSE B 210 6.76 26.66 -17.02
CB MSE B 210 4.87 24.95 -15.39
CG MSE B 210 4.25 24.19 -16.57
SE MSE B 210 4.75 22.33 -16.80
CE MSE B 210 3.95 21.61 -15.18
N ASP B 211 7.71 24.64 -17.36
CA ASP B 211 8.34 25.01 -18.60
C ASP B 211 8.05 24.00 -19.73
N LEU B 212 7.13 23.08 -19.48
CA LEU B 212 6.69 22.10 -20.50
C LEU B 212 5.26 22.35 -20.99
N LEU B 213 4.62 23.41 -20.47
CA LEU B 213 3.29 23.88 -20.90
C LEU B 213 3.36 25.40 -20.95
N PRO B 214 2.47 26.06 -21.74
CA PRO B 214 2.58 27.51 -21.95
C PRO B 214 1.90 28.36 -20.88
N ILE B 215 1.73 27.82 -19.68
CA ILE B 215 0.99 28.53 -18.64
C ILE B 215 1.74 29.69 -18.04
N ASN B 216 3.07 29.70 -18.16
CA ASN B 216 3.89 30.86 -17.77
C ASN B 216 4.32 31.69 -18.98
N GLY B 217 3.51 31.60 -20.04
CA GLY B 217 3.79 32.26 -21.30
C GLY B 217 4.20 31.28 -22.39
N GLU B 218 3.88 31.64 -23.63
CA GLU B 218 4.23 30.81 -24.79
C GLU B 218 5.72 30.49 -24.86
N GLU B 219 6.58 31.42 -24.40
CA GLU B 219 8.04 31.21 -24.43
C GLU B 219 8.53 30.14 -23.43
N ALA B 220 7.68 29.79 -22.45
CA ALA B 220 8.00 28.74 -21.48
C ALA B 220 9.32 29.02 -20.76
N GLN B 221 9.46 30.27 -20.29
CA GLN B 221 10.68 30.74 -19.62
C GLN B 221 10.32 31.33 -18.24
N PRO B 222 10.25 30.49 -17.20
CA PRO B 222 9.80 30.97 -15.88
C PRO B 222 10.60 32.16 -15.37
N ARG B 223 9.88 33.10 -14.73
CA ARG B 223 10.41 34.36 -14.26
C ARG B 223 10.11 34.54 -12.77
N ALA B 224 10.66 35.60 -12.21
CA ALA B 224 10.45 36.00 -10.81
C ALA B 224 9.14 36.76 -10.62
N LEU B 225 8.80 36.96 -9.35
CA LEU B 225 7.68 37.79 -8.94
C LEU B 225 8.13 38.73 -7.85
N ASP B 226 7.63 39.94 -7.84
CA ASP B 226 7.92 40.91 -6.79
C ASP B 226 6.78 41.03 -5.79
N VAL B 227 7.12 41.37 -4.54
CA VAL B 227 6.13 41.58 -3.50
C VAL B 227 6.50 42.81 -2.70
N ARG B 228 5.47 43.38 -2.09
CA ARG B 228 5.65 44.58 -1.25
C ARG B 228 4.52 44.66 -0.23
N LEU B 229 4.90 44.80 1.03
CA LEU B 229 3.98 44.84 2.15
C LEU B 229 3.63 46.27 2.52
N ARG B 230 2.36 46.53 2.83
CA ARG B 230 1.87 47.81 3.31
CA ARG B 230 2.03 47.82 3.39
C ARG B 230 1.49 47.64 4.78
N PRO B 231 1.78 48.64 5.63
CA PRO B 231 1.42 48.50 7.04
C PRO B 231 -0.05 48.60 7.30
N ARG B 232 -0.43 48.14 8.47
CA ARG B 232 -1.83 48.15 8.88
C ARG B 232 -2.28 49.61 9.08
N PRO B 233 -3.54 49.90 8.73
CA PRO B 233 -4.08 51.24 8.86
C PRO B 233 -4.40 51.63 10.31
N ALA B 234 -4.63 52.92 10.53
CA ALA B 234 -5.20 53.42 11.79
C ALA B 234 -6.64 52.94 11.97
N SER C 4 -3.24 -27.02 -17.08
CA SER C 4 -2.56 -25.85 -17.74
C SER C 4 -3.07 -24.60 -17.05
N PHE C 5 -2.38 -23.47 -17.25
CA PHE C 5 -2.75 -22.23 -16.55
C PHE C 5 -3.01 -21.12 -17.52
N ASP C 6 -4.10 -20.43 -17.28
CA ASP C 6 -4.57 -19.41 -18.21
C ASP C 6 -4.57 -18.00 -17.62
N ARG C 7 -4.02 -17.84 -16.42
CA ARG C 7 -4.03 -16.57 -15.71
C ARG C 7 -3.02 -16.57 -14.56
N PRO C 8 -2.68 -15.38 -14.01
CA PRO C 8 -1.70 -15.35 -12.94
C PRO C 8 -2.22 -16.01 -11.66
N PHE C 9 -1.28 -16.50 -10.86
CA PHE C 9 -1.57 -17.03 -9.54
C PHE C 9 -2.11 -15.95 -8.59
N GLU C 10 -3.09 -16.31 -7.77
CA GLU C 10 -3.57 -15.39 -6.74
C GLU C 10 -3.60 -16.09 -5.41
N ALA C 11 -2.81 -15.58 -4.48
CA ALA C 11 -2.68 -16.17 -3.16
C ALA C 11 -4.02 -16.27 -2.42
N ALA C 12 -4.89 -15.27 -2.61
CA ALA C 12 -6.15 -15.21 -1.87
C ALA C 12 -7.29 -15.99 -2.46
N ARG C 13 -7.20 -16.41 -3.73
CA ARG C 13 -8.37 -16.95 -4.42
C ARG C 13 -8.54 -18.47 -4.23
N PRO C 14 -9.62 -18.92 -3.55
CA PRO C 14 -9.83 -20.35 -3.45
C PRO C 14 -10.12 -21.03 -4.81
N ASP C 15 -9.65 -22.26 -4.96
CA ASP C 15 -9.90 -23.09 -6.13
C ASP C 15 -11.19 -23.89 -6.02
N GLY C 16 -11.85 -23.79 -4.87
CA GLY C 16 -13.10 -24.48 -4.60
C GLY C 16 -13.63 -24.07 -3.25
N GLU C 17 -14.71 -24.69 -2.82
CA GLU C 17 -15.46 -24.25 -1.63
C GLU C 17 -15.80 -25.42 -0.71
N ASN C 18 -15.81 -25.14 0.59
CA ASN C 18 -16.42 -26.01 1.60
C ASN C 18 -16.90 -25.06 2.71
N PRO C 19 -17.47 -25.59 3.81
CA PRO C 19 -18.02 -24.65 4.80
C PRO C 19 -17.07 -23.64 5.46
N SER C 20 -15.76 -23.84 5.31
CA SER C 20 -14.76 -22.92 5.84
C SER C 20 -14.91 -21.51 5.31
N ALA C 21 -15.60 -21.35 4.18
CA ALA C 21 -15.78 -20.04 3.60
C ALA C 21 -16.73 -19.16 4.40
N HIS C 22 -17.64 -19.77 5.16
CA HIS C 22 -18.65 -18.99 5.91
C HIS C 22 -18.83 -19.30 7.39
N GLU C 23 -18.38 -20.45 7.85
CA GLU C 23 -18.58 -20.86 9.23
C GLU C 23 -17.34 -20.49 10.04
N THR C 24 -17.50 -19.59 11.01
CA THR C 24 -16.42 -19.19 11.90
C THR C 24 -16.63 -19.76 13.29
N LEU C 25 -15.54 -19.91 14.03
CA LEU C 25 -15.60 -20.60 15.32
C LEU C 25 -16.43 -19.85 16.35
N ALA C 26 -16.18 -18.56 16.39
CA ALA C 26 -16.94 -17.61 17.17
C ALA C 26 -16.85 -16.31 16.34
N GLU C 27 -17.56 -15.29 16.79
CA GLU C 27 -17.50 -13.95 16.17
C GLU C 27 -16.05 -13.45 16.05
N GLY C 28 -15.63 -13.21 14.80
CA GLY C 28 -14.32 -12.67 14.51
C GLY C 28 -13.17 -13.60 14.90
N GLY C 29 -13.45 -14.88 15.10
CA GLY C 29 -12.43 -15.79 15.58
C GLY C 29 -11.96 -15.57 17.02
N ARG C 30 -12.71 -14.77 17.79
CA ARG C 30 -12.35 -14.46 19.16
CA ARG C 30 -12.34 -14.46 19.16
C ARG C 30 -12.95 -15.50 20.10
N LEU C 31 -12.15 -16.50 20.47
CA LEU C 31 -12.65 -17.64 21.22
C LEU C 31 -12.86 -17.28 22.67
N ARG C 32 -13.87 -17.87 23.29
CA ARG C 32 -14.15 -17.65 24.71
C ARG C 32 -13.10 -18.40 25.54
N PRO C 33 -12.58 -17.75 26.58
CA PRO C 33 -11.46 -18.42 27.26
C PRO C 33 -11.89 -19.75 27.87
N GLU C 34 -11.06 -20.77 27.70
CA GLU C 34 -11.29 -22.11 28.29
C GLU C 34 -12.49 -22.93 27.72
N ALA C 35 -13.32 -22.33 26.84
CA ALA C 35 -14.32 -23.06 26.05
C ALA C 35 -13.53 -23.91 25.05
N THR C 36 -14.13 -24.96 24.50
CA THR C 36 -13.47 -25.75 23.43
C THR C 36 -14.22 -25.50 22.14
N TYR C 37 -13.45 -25.53 21.06
CA TYR C 37 -13.96 -25.33 19.72
C TYR C 37 -13.33 -26.43 18.86
N THR C 38 -13.90 -26.65 17.68
CA THR C 38 -13.43 -27.70 16.78
C THR C 38 -13.27 -27.21 15.36
N ILE C 39 -12.11 -27.50 14.76
CA ILE C 39 -11.94 -27.37 13.33
C ILE C 39 -12.38 -28.71 12.75
N PRO C 40 -13.45 -28.72 11.97
CA PRO C 40 -13.93 -30.00 11.46
C PRO C 40 -12.94 -30.65 10.50
N ALA C 41 -13.07 -31.97 10.34
CA ALA C 41 -12.30 -32.68 9.34
C ALA C 41 -12.39 -31.99 7.99
N ARG C 42 -11.25 -31.92 7.29
CA ARG C 42 -11.15 -31.38 5.94
C ARG C 42 -11.31 -29.89 5.78
N GLN C 43 -11.43 -29.16 6.88
CA GLN C 43 -11.77 -27.75 6.88
C GLN C 43 -10.69 -26.93 7.59
N GLY C 44 -10.80 -25.61 7.50
CA GLY C 44 -9.92 -24.69 8.22
C GLY C 44 -10.73 -23.64 8.95
N ARG C 45 -10.13 -23.10 10.01
CA ARG C 45 -10.71 -21.98 10.75
C ARG C 45 -9.61 -21.02 11.18
N ALA C 46 -9.98 -19.75 11.29
CA ALA C 46 -9.14 -18.69 11.83
C ALA C 46 -9.48 -18.43 13.30
N ILE C 47 -8.44 -18.08 14.05
CA ILE C 47 -8.50 -17.87 15.49
C ILE C 47 -7.72 -16.64 15.83
N ARG C 48 -8.37 -15.66 16.44
CA ARG C 48 -7.64 -14.48 16.89
C ARG C 48 -7.06 -14.68 18.29
N MSE C 49 -5.80 -14.29 18.46
CA MSE C 49 -5.17 -14.34 19.79
C MSE C 49 -4.57 -12.99 20.13
O MSE C 49 -3.89 -12.39 19.30
CB MSE C 49 -4.03 -15.37 19.85
CG MSE C 49 -4.38 -16.77 19.35
SE MSE C 49 -2.80 -17.88 19.40
CE MSE C 49 -2.50 -17.90 21.31
N ALA C 50 -4.79 -12.53 21.37
CA ALA C 50 -4.07 -11.36 21.88
C ALA C 50 -2.73 -11.77 22.44
N GLN C 51 -1.75 -10.87 22.37
CA GLN C 51 -0.46 -11.13 22.93
CA GLN C 51 -0.45 -11.10 22.93
C GLN C 51 -0.58 -11.65 24.35
N GLY C 52 0.13 -12.73 24.63
CA GLY C 52 0.14 -13.34 25.95
C GLY C 52 -0.89 -14.44 26.14
N GLU C 53 -1.90 -14.53 25.29
CA GLU C 53 -2.81 -15.67 25.31
C GLU C 53 -2.10 -16.90 24.79
N ALA C 54 -2.64 -18.07 25.10
CA ALA C 54 -2.08 -19.33 24.65
C ALA C 54 -3.15 -20.21 24.07
N LEU C 55 -2.81 -20.95 23.03
CA LEU C 55 -3.73 -21.75 22.29
C LEU C 55 -3.28 -23.21 22.32
N MSE C 56 -4.16 -24.08 22.79
CA MSE C 56 -3.96 -25.51 22.79
C MSE C 56 -4.57 -26.09 21.50
O MSE C 56 -5.71 -25.75 21.17
CB MSE C 56 -4.68 -26.09 24.01
CG MSE C 56 -4.38 -27.48 24.39
SE MSE C 56 -5.22 -27.76 26.13
CE MSE C 56 -4.62 -29.57 26.40
N VAL C 57 -3.81 -26.89 20.75
CA VAL C 57 -4.32 -27.63 19.60
C VAL C 57 -4.22 -29.11 19.96
N ILE C 58 -5.38 -29.79 19.86
CA ILE C 58 -5.57 -31.14 20.39
C ILE C 58 -5.89 -32.11 19.24
N ASN C 59 -5.03 -33.11 19.08
CA ASN C 59 -5.19 -34.14 18.08
C ASN C 59 -6.09 -35.22 18.65
N ARG C 60 -7.40 -34.96 18.53
CA ARG C 60 -8.41 -35.69 19.27
C ARG C 60 -8.30 -37.19 19.01
N ASP C 61 -8.20 -37.55 17.75
CA ASP C 61 -8.22 -38.95 17.36
C ASP C 61 -6.79 -39.54 17.18
N GLY C 62 -5.78 -38.68 17.17
CA GLY C 62 -4.41 -39.11 17.31
C GLY C 62 -3.54 -39.19 16.07
N SER C 63 -4.13 -39.23 14.88
CA SER C 63 -3.33 -39.39 13.65
C SER C 63 -3.52 -38.25 12.67
N GLN C 64 -4.17 -37.16 13.10
CA GLN C 64 -4.48 -36.10 12.17
C GLN C 64 -3.37 -35.06 12.06
N ILE C 65 -3.10 -34.58 10.86
CA ILE C 65 -2.17 -33.48 10.66
C ILE C 65 -2.91 -32.14 10.66
N GLY C 66 -2.33 -31.19 11.35
CA GLY C 66 -2.85 -29.82 11.36
C GLY C 66 -1.88 -28.88 10.67
N ASP C 67 -2.28 -28.33 9.56
CA ASP C 67 -1.50 -27.29 8.89
C ASP C 67 -1.77 -25.97 9.60
N PHE C 68 -0.69 -25.35 10.08
CA PHE C 68 -0.75 -24.26 11.04
C PHE C 68 -0.01 -23.04 10.49
N TRP C 69 -0.72 -21.91 10.53
CA TRP C 69 -0.19 -20.61 10.13
C TRP C 69 -0.50 -19.57 11.19
N ALA C 70 0.30 -18.51 11.22
CA ALA C 70 -0.01 -17.34 12.04
C ALA C 70 0.39 -16.07 11.31
N PHE C 71 -0.50 -15.07 11.35
CA PHE C 71 -0.34 -13.77 10.72
C PHE C 71 -0.44 -12.67 11.75
N VAL C 72 0.32 -11.61 11.57
CA VAL C 72 0.22 -10.50 12.50
C VAL C 72 -1.16 -9.84 12.32
N GLU C 73 -1.81 -9.55 13.46
CA GLU C 73 -3.09 -8.86 13.42
C GLU C 73 -2.92 -7.50 12.73
N GLY C 74 -3.72 -7.28 11.69
CA GLY C 74 -3.62 -6.06 10.91
C GLY C 74 -2.62 -6.12 9.78
N ASP C 75 -1.90 -7.23 9.63
CA ASP C 75 -0.91 -7.31 8.53
C ASP C 75 -0.65 -8.75 8.11
N CYS C 76 -1.41 -9.25 7.14
CA CYS C 76 -1.17 -10.61 6.62
C CYS C 76 0.18 -10.77 5.90
N GLY C 77 0.83 -9.67 5.59
CA GLY C 77 2.17 -9.71 5.03
C GLY C 77 3.30 -10.09 5.98
N GLU C 78 3.03 -10.11 7.27
CA GLU C 78 3.99 -10.58 8.25
C GLU C 78 3.41 -11.83 8.89
N TYR C 79 4.15 -12.92 8.88
CA TYR C 79 3.63 -14.20 9.25
C TYR C 79 4.71 -15.09 9.84
N LEU C 80 4.30 -16.10 10.61
CA LEU C 80 5.19 -17.17 11.06
C LEU C 80 5.85 -17.78 9.82
N SER C 81 7.19 -17.85 9.77
CA SER C 81 7.87 -18.14 8.52
C SER C 81 8.87 -19.28 8.74
N MSE C 82 8.63 -20.42 8.11
CA MSE C 82 9.44 -21.61 8.35
C MSE C 82 10.91 -21.36 7.99
O MSE C 82 11.80 -21.79 8.72
CB MSE C 82 8.92 -22.80 7.55
CG MSE C 82 7.54 -23.34 7.95
SE MSE C 82 7.36 -23.81 9.81
CE MSE C 82 6.59 -22.17 10.44
N GLU C 83 11.16 -20.68 6.89
CA GLU C 83 12.54 -20.45 6.45
C GLU C 83 13.30 -19.44 7.30
N HIS C 84 12.58 -18.62 8.09
CA HIS C 84 13.21 -17.76 9.12
C HIS C 84 13.32 -18.46 10.46
N LEU C 85 12.34 -19.31 10.76
CA LEU C 85 12.32 -20.07 12.01
C LEU C 85 13.58 -20.94 12.13
N ARG C 86 13.92 -21.61 11.02
CA ARG C 86 15.03 -22.58 11.06
C ARG C 86 16.39 -21.94 11.38
N PRO C 87 16.80 -20.90 10.64
CA PRO C 87 18.11 -20.30 11.00
C PRO C 87 18.13 -19.64 12.39
N THR C 88 16.98 -19.14 12.85
CA THR C 88 16.89 -18.51 14.17
C THR C 88 17.11 -19.53 15.29
N LEU C 89 16.57 -20.74 15.12
CA LEU C 89 16.75 -21.80 16.10
C LEU C 89 17.96 -22.69 15.84
N ARG C 90 18.53 -22.58 14.64
CA ARG C 90 19.51 -23.56 14.17
C ARG C 90 18.99 -24.99 14.30
N ARG C 91 17.72 -25.16 13.94
CA ARG C 91 17.16 -26.50 13.84
CA ARG C 91 17.06 -26.46 13.97
C ARG C 91 16.02 -26.54 12.87
N VAL C 92 15.76 -27.73 12.37
CA VAL C 92 14.80 -27.93 11.30
CA VAL C 92 14.81 -27.93 11.30
C VAL C 92 13.37 -27.81 11.78
N SER C 93 13.09 -28.19 13.02
CA SER C 93 11.74 -28.05 13.56
C SER C 93 11.75 -27.69 15.03
N PRO C 94 10.66 -27.07 15.50
CA PRO C 94 10.69 -26.52 16.84
C PRO C 94 10.35 -27.51 17.94
N ARG C 95 10.87 -27.22 19.10
CA ARG C 95 10.63 -27.96 20.34
CA ARG C 95 10.58 -27.97 20.31
C ARG C 95 10.07 -27.03 21.40
N PRO C 96 9.36 -27.59 22.40
CA PRO C 96 8.92 -26.79 23.52
C PRO C 96 10.07 -25.99 24.11
N GLY C 97 9.78 -24.72 24.37
CA GLY C 97 10.75 -23.72 24.82
C GLY C 97 11.12 -22.77 23.69
N ASP C 98 10.92 -23.18 22.44
CA ASP C 98 11.44 -22.44 21.27
C ASP C 98 10.55 -21.27 20.91
N VAL C 99 11.19 -20.15 20.69
CA VAL C 99 10.51 -18.97 20.18
C VAL C 99 10.51 -19.05 18.66
N LEU C 100 9.32 -18.92 18.07
CA LEU C 100 9.08 -19.02 16.63
C LEU C 100 8.95 -17.63 16.09
N VAL C 101 9.69 -17.32 15.02
CA VAL C 101 9.72 -15.99 14.48
C VAL C 101 8.95 -15.82 13.17
N SER C 102 8.66 -14.57 12.88
CA SER C 102 8.02 -14.20 11.64
C SER C 102 9.09 -13.99 10.56
N ASN C 103 8.63 -13.60 9.39
CA ASN C 103 9.50 -13.19 8.32
C ASN C 103 10.27 -11.88 8.60
N ARG C 104 9.96 -11.18 9.70
CA ARG C 104 10.84 -10.12 10.19
C ARG C 104 11.86 -10.59 11.24
N ARG C 105 11.92 -11.89 11.50
CA ARG C 105 12.82 -12.48 12.50
C ARG C 105 12.57 -12.02 13.91
N ARG C 106 11.33 -11.57 14.18
CA ARG C 106 10.93 -11.22 15.55
C ARG C 106 9.97 -12.28 16.08
N PRO C 107 9.93 -12.45 17.39
CA PRO C 107 9.03 -13.43 17.96
C PRO C 107 7.57 -13.21 17.61
N ILE C 108 6.91 -14.29 17.15
CA ILE C 108 5.46 -14.26 16.90
C ILE C 108 4.69 -15.26 17.81
N LEU C 109 5.29 -16.42 18.06
CA LEU C 109 4.74 -17.44 18.97
C LEU C 109 5.86 -18.09 19.75
N THR C 110 5.56 -18.64 20.92
CA THR C 110 6.46 -19.57 21.60
C THR C 110 5.74 -20.91 21.69
N LEU C 111 6.43 -21.97 21.29
CA LEU C 111 5.92 -23.31 21.53
C LEU C 111 6.20 -23.67 22.98
N LEU C 112 5.14 -23.88 23.77
CA LEU C 112 5.30 -24.12 25.20
C LEU C 112 5.23 -25.57 25.62
N GLU C 113 4.44 -26.37 24.91
CA GLU C 113 4.22 -27.76 25.29
C GLU C 113 4.01 -28.61 24.06
N ASP C 114 4.45 -29.86 24.15
CA ASP C 114 4.19 -30.88 23.11
C ASP C 114 4.21 -32.23 23.78
N SER C 115 3.04 -32.87 23.87
CA SER C 115 2.95 -34.16 24.55
C SER C 115 3.42 -35.33 23.71
N SER C 116 3.58 -35.09 22.42
CA SER C 116 3.98 -36.11 21.47
C SER C 116 5.51 -36.31 21.46
N PRO C 117 6.02 -37.24 20.65
CA PRO C 117 7.48 -37.35 20.49
C PRO C 117 8.19 -36.17 19.81
N GLY C 118 7.44 -35.19 19.34
CA GLY C 118 8.02 -33.96 18.83
C GLY C 118 8.28 -33.97 17.33
N VAL C 119 7.61 -34.88 16.61
CA VAL C 119 7.78 -34.98 15.17
C VAL C 119 6.75 -34.09 14.50
N HIS C 120 7.27 -33.09 13.79
CA HIS C 120 6.47 -32.13 13.03
C HIS C 120 7.25 -31.78 11.80
N ASP C 121 6.58 -31.40 10.73
CA ASP C 121 7.26 -31.02 9.51
C ASP C 121 7.19 -29.52 9.23
N THR C 122 8.33 -28.93 8.87
CA THR C 122 8.37 -27.54 8.41
C THR C 122 8.75 -27.37 6.94
N LEU C 123 8.97 -28.49 6.25
CA LEU C 123 9.58 -28.51 4.92
C LEU C 123 8.58 -28.51 3.78
N VAL C 124 7.35 -28.97 4.02
CA VAL C 124 6.45 -29.31 2.95
C VAL C 124 5.30 -28.32 2.80
N ALA C 125 5.09 -27.83 1.59
CA ALA C 125 3.96 -26.92 1.29
C ALA C 125 2.63 -27.53 1.69
N SER C 126 1.65 -26.66 1.91
CA SER C 126 0.27 -27.09 2.11
C SER C 126 -0.27 -27.72 0.84
N CYS C 127 -1.06 -28.77 1.02
CA CYS C 127 -1.67 -29.43 -0.11
C CYS C 127 -2.62 -28.42 -0.82
N ASP C 128 -2.87 -28.69 -2.10
CA ASP C 128 -3.63 -27.80 -2.96
C ASP C 128 -4.22 -28.65 -4.08
N VAL C 129 -5.05 -28.04 -4.93
CA VAL C 129 -5.68 -28.80 -5.98
C VAL C 129 -4.70 -29.48 -6.92
N HIS C 130 -3.51 -28.88 -7.11
CA HIS C 130 -2.52 -29.45 -8.04
C HIS C 130 -1.91 -30.68 -7.47
N ARG C 131 -1.71 -30.70 -6.16
CA ARG C 131 -1.26 -31.91 -5.52
C ARG C 131 -2.22 -33.08 -5.76
N TYR C 132 -3.51 -32.83 -5.58
CA TYR C 132 -4.49 -33.92 -5.71
C TYR C 132 -4.64 -34.36 -7.16
N ALA C 133 -4.62 -33.42 -8.11
CA ALA C 133 -4.59 -33.78 -9.54
C ALA C 133 -3.40 -34.67 -9.87
N GLN C 134 -2.23 -34.30 -9.33
CA GLN C 134 -0.99 -35.05 -9.57
C GLN C 134 -0.95 -36.43 -8.91
N LEU C 135 -1.79 -36.66 -7.91
CA LEU C 135 -1.93 -37.96 -7.27
C LEU C 135 -3.06 -38.74 -7.90
N GLY C 136 -3.68 -38.22 -8.97
CA GLY C 136 -4.66 -38.97 -9.76
C GLY C 136 -6.13 -38.71 -9.45
N HIS C 137 -6.40 -37.77 -8.56
CA HIS C 137 -7.77 -37.48 -8.18
C HIS C 137 -8.50 -36.69 -9.27
N GLU C 138 -9.78 -37.02 -9.45
CA GLU C 138 -10.63 -36.39 -10.46
C GLU C 138 -11.59 -35.39 -9.79
N GLY C 139 -11.62 -34.16 -10.31
CA GLY C 139 -12.49 -33.13 -9.74
C GLY C 139 -11.84 -32.44 -8.54
N TYR C 140 -12.64 -31.63 -7.88
CA TYR C 140 -12.18 -30.86 -6.73
C TYR C 140 -11.89 -31.77 -5.56
N HIS C 141 -10.83 -31.45 -4.82
CA HIS C 141 -10.53 -32.12 -3.56
C HIS C 141 -10.28 -31.03 -2.55
N ASP C 142 -10.90 -31.17 -1.38
CA ASP C 142 -10.62 -30.27 -0.26
C ASP C 142 -9.10 -30.21 -0.07
N ASN C 143 -8.60 -29.04 0.31
CA ASN C 143 -7.17 -28.88 0.44
C ASN C 143 -6.81 -27.78 1.42
N CYS C 144 -5.62 -27.89 2.01
CA CYS C 144 -5.20 -26.96 3.04
C CYS C 144 -4.99 -25.53 2.55
N THR C 145 -4.46 -25.37 1.34
CA THR C 145 -4.29 -24.04 0.78
C THR C 145 -5.63 -23.31 0.64
N ASP C 146 -6.64 -24.00 0.08
CA ASP C 146 -7.98 -23.42 0.00
C ASP C 146 -8.55 -23.18 1.38
N ASN C 147 -8.29 -24.07 2.32
CA ASN C 147 -8.78 -23.85 3.68
C ASN C 147 -8.20 -22.59 4.31
N LEU C 148 -6.91 -22.34 4.08
CA LEU C 148 -6.31 -21.11 4.55
C LEU C 148 -6.99 -19.89 3.97
N ARG C 149 -7.18 -19.90 2.66
CA ARG C 149 -7.77 -18.79 1.94
C ARG C 149 -9.18 -18.52 2.47
N MSE C 150 -9.94 -19.61 2.63
CA MSE C 150 -11.34 -19.48 3.07
C MSE C 150 -11.45 -19.05 4.52
O MSE C 150 -12.30 -18.22 4.87
CB MSE C 150 -12.08 -20.82 2.89
CG MSE C 150 -12.40 -21.17 1.46
SE MSE C 150 -13.51 -22.72 1.37
CE MSE C 150 -12.25 -24.02 0.82
N ALA C 151 -10.62 -19.63 5.39
CA ALA C 151 -10.68 -19.29 6.82
C ALA C 151 -10.38 -17.80 7.07
N LEU C 152 -9.40 -17.27 6.33
CA LEU C 152 -9.09 -15.84 6.38
C LEU C 152 -10.22 -15.03 5.76
N GLY C 153 -10.76 -15.49 4.63
CA GLY C 153 -11.81 -14.75 3.96
C GLY C 153 -13.09 -14.66 4.79
N ALA C 154 -13.35 -15.67 5.63
CA ALA C 154 -14.49 -15.68 6.53
C ALA C 154 -14.42 -14.56 7.57
N LEU C 155 -13.22 -14.03 7.85
CA LEU C 155 -13.00 -12.84 8.69
C LEU C 155 -12.77 -11.56 7.84
N GLY C 156 -12.98 -11.64 6.54
CA GLY C 156 -12.72 -10.50 5.63
C GLY C 156 -11.25 -10.21 5.34
N LEU C 157 -10.38 -11.15 5.69
CA LEU C 157 -8.95 -10.99 5.52
C LEU C 157 -8.49 -11.70 4.25
N ARG C 158 -7.34 -11.24 3.74
CA ARG C 158 -6.78 -11.72 2.46
CA ARG C 158 -6.78 -11.63 2.46
C ARG C 158 -5.27 -11.91 2.59
N PRO C 159 -4.81 -13.15 2.39
CA PRO C 159 -3.37 -13.30 2.40
C PRO C 159 -2.75 -12.70 1.13
N THR C 160 -1.54 -12.20 1.24
CA THR C 160 -0.80 -11.77 0.04
C THR C 160 0.21 -12.80 -0.44
N THR C 161 0.39 -13.83 0.38
CA THR C 161 1.17 -14.99 0.01
C THR C 161 0.67 -16.16 0.83
N VAL C 162 0.92 -17.38 0.33
CA VAL C 162 0.66 -18.59 1.05
C VAL C 162 1.97 -19.03 1.70
N PRO C 163 2.15 -18.77 3.00
CA PRO C 163 3.37 -19.24 3.66
C PRO C 163 3.40 -20.77 3.72
N CYS C 164 4.59 -21.34 3.87
CA CYS C 164 4.67 -22.76 4.18
C CYS C 164 4.00 -22.99 5.52
N PRO C 165 3.15 -24.01 5.63
CA PRO C 165 2.59 -24.32 6.95
C PRO C 165 3.64 -24.93 7.86
N LEU C 166 3.35 -24.85 9.16
CA LEU C 166 3.90 -25.77 10.15
C LEU C 166 2.94 -26.96 10.18
N ASN C 167 3.41 -28.12 9.73
CA ASN C 167 2.56 -29.31 9.59
C ASN C 167 2.63 -30.09 10.88
N LEU C 168 1.71 -29.78 11.79
CA LEU C 168 1.69 -30.39 13.12
C LEU C 168 1.39 -31.89 12.97
N TRP C 169 2.28 -32.66 13.58
CA TRP C 169 2.25 -34.11 13.71
C TRP C 169 2.61 -34.86 12.43
N MSE C 170 2.99 -34.13 11.39
CA MSE C 170 3.42 -34.74 10.14
C MSE C 170 4.84 -35.31 10.28
O MSE C 170 5.74 -34.62 10.68
CB MSE C 170 3.37 -33.72 9.00
CG MSE C 170 3.70 -34.37 7.65
SE MSE C 170 3.48 -33.10 6.21
CE MSE C 170 3.41 -34.22 4.68
N ASN C 171 4.96 -36.57 9.84
CA ASN C 171 6.17 -37.39 9.93
C ASN C 171 6.72 -37.65 8.54
N THR C 172 7.52 -36.70 8.05
CA THR C 172 8.14 -36.78 6.71
CA THR C 172 8.14 -36.76 6.73
C THR C 172 9.62 -36.47 6.86
N PRO C 173 10.37 -37.42 7.42
CA PRO C 173 11.77 -37.16 7.71
C PRO C 173 12.68 -37.17 6.49
N VAL C 174 13.76 -36.40 6.59
CA VAL C 174 14.86 -36.43 5.64
C VAL C 174 15.84 -37.48 6.14
N VAL C 175 16.15 -38.43 5.28
CA VAL C 175 17.00 -39.54 5.65
C VAL C 175 18.39 -39.33 5.07
N GLU C 176 19.26 -40.24 5.47
CA GLU C 176 20.62 -40.26 5.02
C GLU C 176 20.61 -40.24 3.49
N GLY C 177 21.31 -39.26 2.92
CA GLY C 177 21.38 -39.05 1.48
C GLY C 177 20.48 -37.97 0.90
N GLY C 178 19.56 -37.46 1.73
CA GLY C 178 18.70 -36.33 1.34
C GLY C 178 17.29 -36.66 0.86
N ALA C 179 16.96 -37.93 0.71
CA ALA C 179 15.59 -38.31 0.37
C ALA C 179 14.65 -38.02 1.53
N MSE C 180 13.40 -37.83 1.20
CA MSE C 180 12.38 -37.68 2.22
CA MSE C 180 12.34 -37.64 2.18
C MSE C 180 11.40 -38.83 2.11
O MSE C 180 11.13 -39.32 1.02
CB MSE C 180 11.69 -36.34 2.05
CB MSE C 180 11.55 -36.37 1.89
CG MSE C 180 12.63 -35.20 2.27
CG MSE C 180 12.29 -35.09 2.13
SE MSE C 180 11.85 -33.47 1.88
SE MSE C 180 11.12 -33.55 1.87
CE MSE C 180 10.45 -33.50 3.25
CE MSE C 180 9.55 -34.21 2.78
N GLU C 181 10.90 -39.26 3.25
CA GLU C 181 9.96 -40.39 3.32
C GLU C 181 8.65 -39.97 3.94
N TRP C 182 7.54 -40.45 3.38
CA TRP C 182 6.20 -40.14 3.89
C TRP C 182 5.75 -41.26 4.82
N ARG C 183 5.70 -40.99 6.14
CA ARG C 183 5.37 -42.00 7.13
C ARG C 183 4.13 -41.62 7.93
N PRO C 184 3.48 -42.61 8.57
CA PRO C 184 2.39 -42.31 9.50
C PRO C 184 2.86 -41.51 10.71
N PRO C 185 1.96 -40.71 11.28
CA PRO C 185 2.34 -39.96 12.47
C PRO C 185 2.67 -40.86 13.68
N VAL C 186 3.43 -40.30 14.60
CA VAL C 186 3.77 -40.98 15.87
C VAL C 186 3.02 -40.39 17.06
N SER C 187 2.11 -39.47 16.76
CA SER C 187 1.21 -38.92 17.76
C SER C 187 0.19 -39.98 18.19
N ARG C 188 -0.46 -39.74 19.32
CA ARG C 188 -1.50 -40.62 19.88
C ARG C 188 -2.74 -39.82 20.22
N ARG C 189 -3.85 -40.51 20.44
CA ARG C 189 -5.11 -39.89 20.82
C ARG C 189 -4.90 -38.90 21.94
N GLY C 190 -5.39 -37.68 21.72
CA GLY C 190 -5.35 -36.63 22.72
C GLY C 190 -4.07 -35.84 22.82
N ASP C 191 -3.06 -36.16 22.01
CA ASP C 191 -1.81 -35.38 22.05
C ASP C 191 -2.12 -33.91 21.73
N HIS C 192 -1.39 -33.00 22.36
CA HIS C 192 -1.62 -31.60 22.18
C HIS C 192 -0.31 -30.85 22.04
N VAL C 193 -0.42 -29.66 21.47
CA VAL C 193 0.61 -28.63 21.53
C VAL C 193 -0.01 -27.37 22.10
N LEU C 194 0.85 -26.56 22.70
CA LEU C 194 0.43 -25.26 23.27
C LEU C 194 1.35 -24.16 22.74
N PHE C 195 0.75 -23.14 22.15
CA PHE C 195 1.48 -21.97 21.63
C PHE C 195 1.07 -20.71 22.41
N ARG C 196 2.05 -19.92 22.84
CA ARG C 196 1.79 -18.58 23.38
C ARG C 196 1.98 -17.55 22.28
N ALA C 197 1.04 -16.62 22.14
CA ALA C 197 1.17 -15.50 21.21
C ALA C 197 2.12 -14.45 21.76
N GLU C 198 3.11 -14.09 20.98
CA GLU C 198 4.05 -13.01 21.35
C GLU C 198 3.66 -11.66 20.74
N LEU C 199 2.67 -11.69 19.85
CA LEU C 199 2.10 -10.52 19.24
C LEU C 199 0.62 -10.78 19.16
N ASP C 200 -0.19 -9.76 18.90
CA ASP C 200 -1.57 -10.02 18.47
C ASP C 200 -1.52 -10.69 17.08
N VAL C 201 -2.21 -11.81 16.95
CA VAL C 201 -2.16 -12.63 15.75
C VAL C 201 -3.51 -13.21 15.31
N VAL C 202 -3.55 -13.62 14.05
CA VAL C 202 -4.60 -14.45 13.51
C VAL C 202 -3.93 -15.77 13.15
N VAL C 203 -4.28 -16.82 13.89
CA VAL C 203 -3.84 -18.20 13.63
C VAL C 203 -4.85 -18.82 12.67
N VAL C 204 -4.37 -19.65 11.75
CA VAL C 204 -5.22 -20.48 10.91
C VAL C 204 -4.77 -21.92 11.01
N ILE C 205 -5.74 -22.81 11.22
CA ILE C 205 -5.49 -24.25 11.26
C ILE C 205 -6.39 -24.93 10.25
N SER C 206 -5.76 -25.75 9.40
CA SER C 206 -6.46 -26.68 8.50
C SER C 206 -6.28 -28.12 8.91
N CYS C 207 -7.39 -28.84 9.04
CA CYS C 207 -7.34 -30.28 9.25
C CYS C 207 -7.09 -30.93 7.88
N CYS C 208 -5.85 -31.36 7.64
CA CYS C 208 -5.45 -31.82 6.30
C CYS C 208 -6.36 -32.94 5.81
N PRO C 209 -6.97 -32.77 4.63
CA PRO C 209 -7.83 -33.82 4.06
C PRO C 209 -7.12 -34.89 3.24
N MSE C 210 -5.80 -34.97 3.33
CA MSE C 210 -5.06 -35.92 2.51
C MSE C 210 -5.56 -37.32 2.85
O MSE C 210 -5.55 -37.76 4.00
CB MSE C 210 -3.57 -35.81 2.75
CG MSE C 210 -2.74 -36.89 2.01
SE MSE C 210 -2.87 -36.85 0.10
CE MSE C 210 -2.25 -34.99 -0.13
N ASP C 211 -6.03 -38.02 1.83
CA ASP C 211 -6.66 -39.32 2.01
C ASP C 211 -6.17 -40.25 0.90
N LEU C 212 -5.00 -39.92 0.34
CA LEU C 212 -4.29 -40.69 -0.70
C LEU C 212 -2.81 -41.01 -0.31
N LEU C 213 -2.38 -40.60 0.88
CA LEU C 213 -1.09 -40.97 1.46
C LEU C 213 -1.34 -41.20 2.96
N PRO C 214 -0.43 -41.91 3.66
CA PRO C 214 -0.72 -42.32 5.05
C PRO C 214 -0.36 -41.27 6.12
N ILE C 215 -0.17 -40.01 5.72
CA ILE C 215 0.32 -38.98 6.64
C ILE C 215 -0.71 -38.60 7.71
N ASN C 216 -1.99 -38.90 7.45
CA ASN C 216 -3.06 -38.74 8.48
C ASN C 216 -3.46 -40.05 9.15
N GLY C 217 -2.53 -41.00 9.16
CA GLY C 217 -2.80 -42.35 9.65
C GLY C 217 -3.00 -43.28 8.46
N GLU C 218 -2.56 -44.53 8.63
CA GLU C 218 -2.62 -45.56 7.58
C GLU C 218 -4.04 -45.83 7.07
N GLU C 219 -5.06 -45.58 7.91
CA GLU C 219 -6.47 -45.77 7.50
C GLU C 219 -6.92 -44.70 6.48
N ALA C 220 -6.15 -43.60 6.39
CA ALA C 220 -6.42 -42.49 5.46
C ALA C 220 -7.86 -41.96 5.57
N GLN C 221 -8.31 -41.79 6.82
CA GLN C 221 -9.63 -41.21 7.13
C GLN C 221 -9.45 -39.90 7.94
N PRO C 222 -9.41 -38.75 7.25
CA PRO C 222 -9.31 -37.42 7.84
C PRO C 222 -10.24 -37.18 9.02
N ARG C 223 -9.69 -36.59 10.08
CA ARG C 223 -10.39 -36.31 11.34
C ARG C 223 -10.28 -34.84 11.73
N ALA C 224 -10.99 -34.48 12.81
CA ALA C 224 -11.06 -33.13 13.32
C ALA C 224 -9.95 -32.82 14.34
N LEU C 225 -9.79 -31.54 14.65
CA LEU C 225 -8.87 -31.06 15.71
C LEU C 225 -9.63 -30.13 16.66
N ASP C 226 -9.38 -30.25 17.96
CA ASP C 226 -10.03 -29.36 18.93
C ASP C 226 -9.03 -28.30 19.37
N VAL C 227 -9.55 -27.15 19.80
CA VAL C 227 -8.70 -26.06 20.26
C VAL C 227 -9.30 -25.43 21.51
N ARG C 228 -8.42 -24.87 22.33
CA ARG C 228 -8.84 -24.12 23.54
CA ARG C 228 -8.83 -24.19 23.55
C ARG C 228 -7.89 -22.98 23.77
N LEU C 229 -8.45 -21.79 24.00
CA LEU C 229 -7.66 -20.59 24.24
C LEU C 229 -7.60 -20.33 25.75
N ARG C 230 -6.41 -20.03 26.27
CA ARG C 230 -6.20 -19.61 27.64
C ARG C 230 -5.91 -18.14 27.71
N PRO C 231 -6.46 -17.46 28.69
CA PRO C 231 -6.22 -16.05 28.82
C PRO C 231 -4.79 -15.72 29.23
N ARG C 232 -4.41 -14.48 28.97
CA ARG C 232 -3.08 -14.02 29.34
C ARG C 232 -2.95 -13.98 30.86
N PRO C 233 -1.75 -14.31 31.36
CA PRO C 233 -1.52 -14.31 32.81
C PRO C 233 -1.45 -12.90 33.38
N ALA C 234 -1.51 -12.82 34.70
CA ALA C 234 -1.21 -11.58 35.43
C ALA C 234 0.26 -11.16 35.23
N SER D 4 9.71 1.00 11.44
CA SER D 4 9.02 0.57 12.70
C SER D 4 8.11 -0.62 12.42
N PHE D 5 8.04 -1.54 13.38
CA PHE D 5 7.24 -2.75 13.20
C PHE D 5 5.74 -2.51 13.39
N ASP D 6 5.34 -1.29 13.74
CA ASP D 6 3.92 -0.86 13.63
C ASP D 6 3.48 -0.68 12.16
N ARG D 7 4.45 -0.47 11.27
CA ARG D 7 4.24 -0.33 9.83
C ARG D 7 4.19 -1.75 9.26
N PRO D 8 3.29 -2.00 8.31
CA PRO D 8 3.26 -3.33 7.71
C PRO D 8 4.56 -3.71 7.00
N PHE D 9 4.80 -5.01 6.91
CA PHE D 9 5.93 -5.51 6.14
C PHE D 9 5.64 -5.32 4.67
N GLU D 10 6.65 -4.93 3.91
CA GLU D 10 6.49 -4.74 2.47
C GLU D 10 7.54 -5.54 1.70
N ALA D 11 7.07 -6.59 1.02
CA ALA D 11 7.95 -7.47 0.26
C ALA D 11 8.80 -6.72 -0.76
N ALA D 12 8.27 -5.67 -1.36
CA ALA D 12 8.97 -5.00 -2.46
C ALA D 12 9.94 -3.91 -2.02
N ARG D 13 9.87 -3.46 -0.77
CA ARG D 13 10.55 -2.23 -0.31
C ARG D 13 11.97 -2.53 0.22
N PRO D 14 13.01 -2.01 -0.47
CA PRO D 14 14.34 -2.21 0.08
C PRO D 14 14.58 -1.46 1.39
N ASP D 15 15.38 -2.05 2.27
CA ASP D 15 15.78 -1.41 3.53
C ASP D 15 17.02 -0.53 3.41
N GLY D 16 17.63 -0.53 2.23
CA GLY D 16 18.79 0.33 1.94
C GLY D 16 19.11 0.18 0.46
N GLU D 17 20.22 0.73 0.02
CA GLU D 17 20.58 0.85 -1.39
C GLU D 17 22.02 0.40 -1.68
N ASN D 18 22.19 -0.20 -2.86
CA ASN D 18 23.50 -0.37 -3.49
C ASN D 18 23.25 -0.29 -5.01
N PRO D 19 24.30 -0.47 -5.83
CA PRO D 19 24.08 -0.26 -7.27
C PRO D 19 23.05 -1.22 -7.93
N SER D 20 22.62 -2.26 -7.23
CA SER D 20 21.59 -3.13 -7.75
C SER D 20 20.31 -2.40 -8.05
N ALA D 21 20.07 -1.27 -7.38
CA ALA D 21 18.83 -0.50 -7.60
C ALA D 21 18.73 0.08 -9.01
N HIS D 22 19.87 0.39 -9.62
CA HIS D 22 19.87 1.15 -10.88
C HIS D 22 20.64 0.54 -12.05
N GLU D 23 21.48 -0.45 -11.81
CA GLU D 23 22.31 -1.01 -12.87
C GLU D 23 21.75 -2.37 -13.24
N THR D 24 21.57 -2.60 -14.53
CA THR D 24 21.15 -3.91 -15.04
C THR D 24 22.29 -4.54 -15.84
N LEU D 25 22.28 -5.86 -15.94
CA LEU D 25 23.29 -6.58 -16.73
C LEU D 25 23.21 -6.22 -18.20
N ALA D 26 21.98 -6.07 -18.69
CA ALA D 26 21.68 -5.76 -20.10
C ALA D 26 20.26 -5.22 -20.12
N GLU D 27 19.89 -4.45 -21.15
CA GLU D 27 18.57 -3.87 -21.19
CA GLU D 27 18.56 -3.87 -21.26
C GLU D 27 17.50 -4.94 -21.14
N GLY D 28 16.50 -4.72 -20.30
CA GLY D 28 15.45 -5.69 -20.08
C GLY D 28 15.87 -6.96 -19.36
N GLY D 29 17.11 -7.02 -18.89
CA GLY D 29 17.67 -8.25 -18.37
C GLY D 29 17.91 -9.33 -19.40
N ARG D 30 17.95 -8.95 -20.68
CA ARG D 30 18.04 -9.92 -21.76
C ARG D 30 19.49 -10.01 -22.24
N LEU D 31 20.19 -10.95 -21.64
CA LEU D 31 21.61 -11.18 -21.92
C LEU D 31 21.88 -11.57 -23.35
N ARG D 32 23.00 -11.12 -23.87
CA ARG D 32 23.48 -11.64 -25.16
C ARG D 32 23.89 -13.10 -25.00
N PRO D 33 23.34 -13.99 -25.84
CA PRO D 33 23.75 -15.38 -25.72
C PRO D 33 25.24 -15.60 -25.90
N GLU D 34 25.78 -16.50 -25.07
CA GLU D 34 27.17 -16.92 -25.06
C GLU D 34 28.16 -15.86 -24.61
N ALA D 35 27.66 -14.74 -24.08
CA ALA D 35 28.50 -13.74 -23.45
C ALA D 35 28.56 -13.96 -21.93
N THR D 36 29.73 -13.74 -21.35
CA THR D 36 29.89 -13.84 -19.90
C THR D 36 29.56 -12.51 -19.26
N TYR D 37 28.71 -12.54 -18.23
CA TYR D 37 28.35 -11.38 -17.42
C TYR D 37 28.76 -11.64 -15.97
N THR D 38 28.91 -10.57 -15.20
CA THR D 38 29.24 -10.68 -13.78
C THR D 38 28.22 -9.97 -12.91
N ILE D 39 27.76 -10.68 -11.87
CA ILE D 39 26.96 -10.07 -10.81
C ILE D 39 27.98 -9.67 -9.75
N PRO D 40 28.08 -8.35 -9.47
CA PRO D 40 29.14 -7.93 -8.56
C PRO D 40 28.97 -8.50 -7.17
N ALA D 41 30.09 -8.61 -6.46
CA ALA D 41 30.06 -8.97 -5.07
C ALA D 41 29.07 -8.10 -4.30
N ARG D 42 28.34 -8.76 -3.43
CA ARG D 42 27.40 -8.11 -2.51
C ARG D 42 26.13 -7.56 -3.17
N GLN D 43 25.93 -7.83 -4.48
CA GLN D 43 24.86 -7.24 -5.26
C GLN D 43 23.96 -8.34 -5.84
N GLY D 44 22.83 -7.91 -6.40
CA GLY D 44 21.99 -8.82 -7.14
C GLY D 44 21.62 -8.29 -8.50
N ARG D 45 21.26 -9.20 -9.40
CA ARG D 45 20.81 -8.86 -10.72
C ARG D 45 19.70 -9.80 -11.17
N ALA D 46 18.85 -9.28 -12.04
CA ALA D 46 17.77 -10.02 -12.67
C ALA D 46 18.08 -10.32 -14.15
N ILE D 47 17.65 -11.49 -14.61
CA ILE D 47 17.98 -12.07 -15.90
C ILE D 47 16.70 -12.66 -16.49
N ARG D 48 16.24 -12.16 -17.64
CA ARG D 48 15.10 -12.75 -18.28
C ARG D 48 15.55 -13.94 -19.11
N MSE D 49 14.80 -15.03 -19.07
CA MSE D 49 15.08 -16.20 -19.89
C MSE D 49 13.81 -16.60 -20.59
O MSE D 49 12.75 -16.67 -19.99
CB MSE D 49 15.53 -17.41 -19.03
CG MSE D 49 16.74 -17.20 -18.16
SE MSE D 49 17.09 -18.79 -17.10
CE MSE D 49 17.57 -19.85 -18.57
N ALA D 50 13.93 -16.85 -21.89
CA ALA D 50 12.84 -17.46 -22.61
C ALA D 50 12.81 -18.97 -22.39
N GLN D 51 11.63 -19.57 -22.51
CA GLN D 51 11.50 -21.00 -22.36
C GLN D 51 12.48 -21.73 -23.30
N GLY D 52 13.19 -22.72 -22.75
CA GLY D 52 14.16 -23.50 -23.51
C GLY D 52 15.58 -22.98 -23.49
N GLU D 53 15.77 -21.71 -23.09
CA GLU D 53 17.12 -21.19 -22.89
C GLU D 53 17.72 -21.80 -21.63
N ALA D 54 19.04 -21.72 -21.49
CA ALA D 54 19.68 -22.23 -20.30
C ALA D 54 20.66 -21.21 -19.76
N LEU D 55 20.92 -21.26 -18.46
CA LEU D 55 21.75 -20.29 -17.81
C LEU D 55 22.81 -21.00 -16.95
N MSE D 56 24.05 -20.62 -17.20
CA MSE D 56 25.18 -21.05 -16.38
CA MSE D 56 25.18 -21.04 -16.41
C MSE D 56 25.36 -20.05 -15.27
O MSE D 56 25.36 -18.85 -15.53
CB MSE D 56 26.51 -21.03 -17.13
CB MSE D 56 26.43 -21.01 -17.29
CG MSE D 56 26.60 -22.00 -18.19
CG MSE D 56 26.37 -21.94 -18.44
SE MSE D 56 28.34 -22.01 -18.96
SE MSE D 56 27.24 -23.56 -17.93
CE MSE D 56 29.24 -22.90 -17.53
CE MSE D 56 29.01 -22.73 -17.87
N VAL D 57 25.54 -20.55 -14.05
CA VAL D 57 25.91 -19.69 -12.92
C VAL D 57 27.24 -20.26 -12.42
N ILE D 58 28.27 -19.42 -12.37
CA ILE D 58 29.65 -19.85 -12.20
C ILE D 58 30.24 -19.25 -10.94
N ASN D 59 30.68 -20.13 -10.04
CA ASN D 59 31.27 -19.74 -8.79
C ASN D 59 32.76 -19.50 -9.02
N ARG D 60 33.04 -18.33 -9.57
CA ARG D 60 34.36 -18.03 -10.12
C ARG D 60 35.48 -18.30 -9.12
N ASP D 61 35.32 -17.81 -7.90
CA ASP D 61 36.37 -17.95 -6.91
C ASP D 61 36.21 -19.18 -6.00
N GLY D 62 35.05 -19.84 -6.09
CA GLY D 62 34.90 -21.14 -5.53
C GLY D 62 34.21 -21.30 -4.20
N SER D 63 34.07 -20.22 -3.43
CA SER D 63 33.47 -20.31 -2.09
C SER D 63 32.27 -19.40 -1.90
N GLN D 64 31.73 -18.87 -3.00
CA GLN D 64 30.69 -17.86 -2.91
C GLN D 64 29.30 -18.48 -3.01
N ILE D 65 28.38 -18.04 -2.17
CA ILE D 65 27.00 -18.48 -2.28
C ILE D 65 26.20 -17.56 -3.20
N GLY D 66 25.36 -18.16 -4.02
CA GLY D 66 24.42 -17.43 -4.88
C GLY D 66 22.99 -17.71 -4.41
N ASP D 67 22.33 -16.70 -3.84
CA ASP D 67 20.92 -16.83 -3.49
C ASP D 67 20.15 -16.67 -4.80
N PHE D 68 19.36 -17.68 -5.16
CA PHE D 68 18.75 -17.84 -6.49
C PHE D 68 17.23 -17.89 -6.37
N TRP D 69 16.58 -17.12 -7.21
CA TRP D 69 15.12 -17.08 -7.33
C TRP D 69 14.72 -17.14 -8.79
N ALA D 70 13.47 -17.57 -9.05
CA ALA D 70 12.91 -17.42 -10.39
C ALA D 70 11.42 -17.16 -10.27
N PHE D 71 10.97 -16.27 -11.12
CA PHE D 71 9.57 -15.82 -11.20
C PHE D 71 9.05 -16.03 -12.60
N VAL D 72 7.78 -16.39 -12.73
CA VAL D 72 7.21 -16.51 -14.06
C VAL D 72 7.11 -15.14 -14.73
N GLU D 73 7.51 -15.08 -16.00
CA GLU D 73 7.38 -13.82 -16.75
C GLU D 73 5.91 -13.33 -16.77
N GLY D 74 5.70 -12.12 -16.30
CA GLY D 74 4.36 -11.53 -16.22
C GLY D 74 3.60 -11.85 -14.93
N ASP D 75 4.24 -12.59 -14.01
CA ASP D 75 3.57 -12.98 -12.78
C ASP D 75 4.55 -13.29 -11.65
N CYS D 76 4.91 -12.26 -10.89
CA CYS D 76 5.79 -12.44 -9.73
C CYS D 76 5.13 -13.22 -8.59
N GLY D 77 3.82 -13.45 -8.66
CA GLY D 77 3.13 -14.32 -7.72
C GLY D 77 3.31 -15.81 -7.94
N GLU D 78 3.91 -16.21 -9.07
CA GLU D 78 4.26 -17.61 -9.31
C GLU D 78 5.78 -17.66 -9.42
N TYR D 79 6.37 -18.53 -8.62
CA TYR D 79 7.81 -18.57 -8.43
C TYR D 79 8.32 -19.96 -8.09
N LEU D 80 9.61 -20.21 -8.42
CA LEU D 80 10.34 -21.36 -7.93
C LEU D 80 10.15 -21.44 -6.40
N SER D 81 9.63 -22.56 -5.90
CA SER D 81 9.14 -22.60 -4.52
C SER D 81 9.80 -23.77 -3.79
N MSE D 82 10.67 -23.48 -2.81
CA MSE D 82 11.39 -24.54 -2.10
C MSE D 82 10.46 -25.54 -1.44
O MSE D 82 10.69 -26.74 -1.50
CB MSE D 82 12.34 -23.96 -1.07
CG MSE D 82 13.52 -23.13 -1.62
SE MSE D 82 14.61 -23.97 -2.95
CE MSE D 82 13.78 -23.26 -4.52
N GLU D 83 9.40 -25.05 -0.81
CA GLU D 83 8.45 -25.93 -0.12
C GLU D 83 7.58 -26.78 -1.04
N HIS D 84 7.53 -26.43 -2.32
CA HIS D 84 6.89 -27.30 -3.33
C HIS D 84 7.89 -28.21 -4.04
N LEU D 85 9.11 -27.71 -4.17
CA LEU D 85 10.21 -28.44 -4.79
C LEU D 85 10.45 -29.74 -4.03
N ARG D 86 10.52 -29.64 -2.70
CA ARG D 86 10.86 -30.79 -1.87
C ARG D 86 9.85 -31.95 -1.97
N PRO D 87 8.54 -31.72 -1.76
CA PRO D 87 7.60 -32.87 -1.90
C PRO D 87 7.52 -33.41 -3.33
N THR D 88 7.71 -32.55 -4.33
CA THR D 88 7.62 -33.04 -5.72
C THR D 88 8.80 -33.99 -6.05
N LEU D 89 10.00 -33.64 -5.60
CA LEU D 89 11.18 -34.48 -5.77
C LEU D 89 11.34 -35.57 -4.71
N ARG D 90 10.60 -35.45 -3.61
CA ARG D 90 10.83 -36.25 -2.41
C ARG D 90 12.31 -36.20 -1.96
N ARG D 91 12.88 -35.01 -1.99
CA ARG D 91 14.27 -34.80 -1.66
C ARG D 91 14.42 -33.37 -1.09
N VAL D 92 15.45 -33.14 -0.29
CA VAL D 92 15.62 -31.83 0.34
C VAL D 92 16.34 -30.85 -0.57
N SER D 93 17.15 -31.34 -1.51
CA SER D 93 17.98 -30.51 -2.40
CA SER D 93 17.83 -30.46 -2.45
C SER D 93 18.02 -31.12 -3.82
N PRO D 94 18.09 -30.30 -4.87
CA PRO D 94 18.09 -30.87 -6.23
C PRO D 94 19.43 -31.38 -6.71
N ARG D 95 19.35 -32.37 -7.64
CA ARG D 95 20.49 -33.03 -8.26
C ARG D 95 20.38 -32.82 -9.78
N PRO D 96 21.49 -33.05 -10.53
CA PRO D 96 21.39 -32.97 -11.97
C PRO D 96 20.31 -33.89 -12.51
N GLY D 97 19.52 -33.34 -13.43
CA GLY D 97 18.39 -34.01 -14.01
C GLY D 97 17.06 -33.68 -13.35
N ASP D 98 17.07 -33.05 -12.17
CA ASP D 98 15.83 -32.80 -11.41
C ASP D 98 15.09 -31.59 -11.98
N VAL D 99 13.80 -31.76 -12.16
CA VAL D 99 12.91 -30.69 -12.53
C VAL D 99 12.43 -29.97 -11.28
N LEU D 100 12.59 -28.64 -11.26
CA LEU D 100 12.25 -27.79 -10.14
C LEU D 100 10.93 -27.10 -10.40
N VAL D 101 10.03 -27.18 -9.43
CA VAL D 101 8.67 -26.64 -9.65
C VAL D 101 8.41 -25.32 -8.99
N SER D 102 7.35 -24.66 -9.47
CA SER D 102 6.85 -23.46 -8.88
C SER D 102 5.86 -23.78 -7.77
N ASN D 103 5.28 -22.71 -7.21
CA ASN D 103 4.22 -22.85 -6.25
C ASN D 103 2.90 -23.39 -6.81
N ARG D 104 2.80 -23.53 -8.14
CA ARG D 104 1.72 -24.27 -8.79
C ARG D 104 2.07 -25.72 -9.05
N ARG D 105 3.24 -26.16 -8.60
CA ARG D 105 3.71 -27.52 -8.75
C ARG D 105 3.94 -27.92 -10.19
N ARG D 106 4.15 -26.93 -11.06
CA ARG D 106 4.51 -27.23 -12.44
C ARG D 106 5.98 -26.89 -12.70
N PRO D 107 6.59 -27.55 -13.69
CA PRO D 107 8.00 -27.25 -13.95
C PRO D 107 8.26 -25.79 -14.26
N ILE D 108 9.29 -25.24 -13.62
CA ILE D 108 9.76 -23.90 -13.95
C ILE D 108 11.22 -23.88 -14.43
N LEU D 109 12.06 -24.74 -13.86
CA LEU D 109 13.45 -24.92 -14.31
C LEU D 109 13.83 -26.38 -14.22
N THR D 110 14.80 -26.79 -15.02
CA THR D 110 15.47 -28.06 -14.81
C THR D 110 16.95 -27.80 -14.46
N LEU D 111 17.42 -28.44 -13.39
CA LEU D 111 18.86 -28.41 -13.07
C LEU D 111 19.54 -29.43 -13.99
N LEU D 112 20.23 -28.95 -15.03
CA LEU D 112 20.89 -29.85 -16.00
C LEU D 112 22.25 -30.38 -15.54
N GLU D 113 23.03 -29.51 -14.92
CA GLU D 113 24.44 -29.80 -14.56
C GLU D 113 24.81 -29.13 -13.26
N ASP D 114 25.72 -29.78 -12.54
CA ASP D 114 26.28 -29.26 -11.30
C ASP D 114 27.66 -29.93 -11.20
N SER D 115 28.72 -29.15 -11.43
CA SER D 115 30.08 -29.70 -11.35
C SER D 115 30.63 -29.87 -9.95
N SER D 116 29.94 -29.36 -8.96
CA SER D 116 30.40 -29.38 -7.58
C SER D 116 30.02 -30.71 -6.91
N PRO D 117 30.43 -30.87 -5.64
CA PRO D 117 29.98 -32.04 -4.89
C PRO D 117 28.46 -32.17 -4.68
N GLY D 118 27.69 -31.16 -5.03
CA GLY D 118 26.26 -31.24 -5.01
C GLY D 118 25.58 -30.72 -3.74
N VAL D 119 26.33 -29.97 -2.94
CA VAL D 119 25.83 -29.41 -1.71
C VAL D 119 25.25 -28.01 -1.94
N HIS D 120 23.97 -27.86 -1.61
CA HIS D 120 23.21 -26.60 -1.72
C HIS D 120 22.23 -26.58 -0.58
N ASP D 121 21.64 -25.43 -0.30
CA ASP D 121 20.66 -25.36 0.75
C ASP D 121 19.33 -24.84 0.22
N THR D 122 18.24 -25.50 0.61
CA THR D 122 16.91 -24.98 0.34
C THR D 122 16.12 -24.54 1.58
N LEU D 123 16.75 -24.62 2.76
CA LEU D 123 16.06 -24.46 4.04
C LEU D 123 16.08 -23.06 4.63
N VAL D 124 17.04 -22.24 4.23
CA VAL D 124 17.35 -21.00 4.95
C VAL D 124 16.93 -19.74 4.17
N ALA D 125 16.19 -18.87 4.84
CA ALA D 125 15.77 -17.61 4.26
C ALA D 125 16.95 -16.75 3.80
N SER D 126 16.70 -15.91 2.82
CA SER D 126 17.69 -14.92 2.45
C SER D 126 18.00 -13.96 3.60
N CYS D 127 19.28 -13.59 3.69
CA CYS D 127 19.70 -12.64 4.68
C CYS D 127 19.05 -11.28 4.43
N ASP D 128 18.93 -10.53 5.51
CA ASP D 128 18.19 -9.27 5.50
C ASP D 128 18.71 -8.38 6.62
N VAL D 129 18.22 -7.14 6.72
CA VAL D 129 18.74 -6.22 7.75
C VAL D 129 18.54 -6.72 9.18
N HIS D 130 17.49 -7.51 9.39
CA HIS D 130 17.21 -8.06 10.72
C HIS D 130 18.20 -9.13 11.12
N ARG D 131 18.59 -9.94 10.15
CA ARG D 131 19.63 -10.94 10.36
C ARG D 131 20.93 -10.28 10.80
N TYR D 132 21.34 -9.24 10.10
CA TYR D 132 22.62 -8.59 10.41
C TYR D 132 22.58 -7.92 11.76
N ALA D 133 21.45 -7.27 12.07
CA ALA D 133 21.28 -6.64 13.39
C ALA D 133 21.43 -7.69 14.49
N GLN D 134 20.80 -8.86 14.30
CA GLN D 134 20.90 -9.98 15.26
C GLN D 134 22.29 -10.61 15.39
N LEU D 135 23.14 -10.45 14.36
CA LEU D 135 24.52 -10.91 14.42
C LEU D 135 25.47 -9.80 14.92
N GLY D 136 24.89 -8.70 15.40
CA GLY D 136 25.65 -7.67 16.12
C GLY D 136 26.19 -6.55 15.24
N HIS D 137 25.79 -6.53 13.96
CA HIS D 137 26.23 -5.51 13.03
C HIS D 137 25.54 -4.18 13.31
N GLU D 138 26.32 -3.10 13.29
CA GLU D 138 25.80 -1.77 13.47
C GLU D 138 25.65 -1.10 12.11
N GLY D 139 24.45 -0.59 11.85
CA GLY D 139 24.14 0.11 10.61
C GLY D 139 23.71 -0.82 9.47
N TYR D 140 23.57 -0.22 8.29
CA TYR D 140 23.09 -0.99 7.12
C TYR D 140 24.14 -1.99 6.67
N HIS D 141 23.68 -3.16 6.29
CA HIS D 141 24.53 -4.18 5.71
C HIS D 141 23.84 -4.63 4.43
N ASP D 142 24.60 -4.72 3.36
CA ASP D 142 24.13 -5.33 2.12
C ASP D 142 23.46 -6.65 2.47
N ASN D 143 22.43 -7.02 1.73
CA ASN D 143 21.74 -8.25 2.09
C ASN D 143 20.98 -8.77 0.88
N CYS D 144 20.74 -10.08 0.87
CA CYS D 144 20.16 -10.74 -0.29
C CYS D 144 18.70 -10.40 -0.51
N THR D 145 17.93 -10.17 0.57
CA THR D 145 16.54 -9.76 0.40
C THR D 145 16.45 -8.40 -0.29
N ASP D 146 17.25 -7.44 0.14
CA ASP D 146 17.30 -6.14 -0.53
C ASP D 146 17.78 -6.26 -1.97
N ASN D 147 18.75 -7.13 -2.20
CA ASN D 147 19.24 -7.34 -3.54
C ASN D 147 18.15 -7.89 -4.47
N LEU D 148 17.35 -8.82 -3.98
CA LEU D 148 16.19 -9.31 -4.74
C LEU D 148 15.26 -8.16 -5.11
N ARG D 149 14.89 -7.37 -4.11
CA ARG D 149 13.96 -6.29 -4.29
C ARG D 149 14.47 -5.29 -5.32
N MSE D 150 15.74 -4.93 -5.19
CA MSE D 150 16.36 -3.95 -6.06
C MSE D 150 16.51 -4.50 -7.49
O MSE D 150 16.26 -3.78 -8.46
CB MSE D 150 17.71 -3.50 -5.52
CG MSE D 150 17.67 -2.64 -4.28
SE MSE D 150 19.43 -1.96 -3.85
CE MSE D 150 19.93 -3.14 -2.40
N ALA D 151 16.94 -5.74 -7.62
CA ALA D 151 17.18 -6.33 -8.94
C ALA D 151 15.90 -6.39 -9.73
N LEU D 152 14.81 -6.75 -9.06
CA LEU D 152 13.50 -6.75 -9.71
C LEU D 152 13.04 -5.33 -10.05
N GLY D 153 13.26 -4.41 -9.11
CA GLY D 153 12.90 -3.01 -9.31
C GLY D 153 13.61 -2.36 -10.48
N ALA D 154 14.85 -2.79 -10.73
CA ALA D 154 15.64 -2.22 -11.84
C ALA D 154 15.08 -2.60 -13.19
N LEU D 155 14.28 -3.67 -13.27
CA LEU D 155 13.51 -4.08 -14.48
C LEU D 155 12.04 -3.61 -14.45
N GLY D 156 11.69 -2.80 -13.46
CA GLY D 156 10.30 -2.31 -13.34
C GLY D 156 9.32 -3.30 -12.75
N LEU D 157 9.83 -4.32 -12.04
CA LEU D 157 9.02 -5.40 -11.48
C LEU D 157 8.92 -5.26 -9.96
N ARG D 158 7.86 -5.84 -9.41
CA ARG D 158 7.52 -5.70 -8.01
C ARG D 158 7.14 -7.07 -7.44
N PRO D 159 7.96 -7.61 -6.53
CA PRO D 159 7.51 -8.88 -5.96
C PRO D 159 6.37 -8.67 -4.98
N THR D 160 5.51 -9.67 -4.85
CA THR D 160 4.44 -9.61 -3.83
C THR D 160 4.78 -10.45 -2.60
N THR D 161 5.84 -11.26 -2.68
CA THR D 161 6.38 -11.98 -1.55
C THR D 161 7.87 -12.20 -1.78
N VAL D 162 8.60 -12.46 -0.71
CA VAL D 162 10.00 -12.85 -0.78
C VAL D 162 10.02 -14.38 -0.64
N PRO D 163 10.16 -15.14 -1.74
CA PRO D 163 10.26 -16.58 -1.60
C PRO D 163 11.56 -16.98 -0.88
N CYS D 164 11.62 -18.19 -0.36
CA CYS D 164 12.91 -18.72 0.13
C CYS D 164 13.83 -18.86 -1.06
N PRO D 165 15.09 -18.41 -0.96
CA PRO D 165 16.00 -18.67 -2.05
C PRO D 165 16.42 -20.14 -2.12
N LEU D 166 16.90 -20.51 -3.32
CA LEU D 166 17.76 -21.65 -3.49
C LEU D 166 19.17 -21.12 -3.22
N ASN D 167 19.83 -21.59 -2.15
CA ASN D 167 21.15 -21.11 -1.79
C ASN D 167 22.23 -21.95 -2.44
N LEU D 168 22.65 -21.51 -3.62
CA LEU D 168 23.62 -22.27 -4.41
C LEU D 168 24.96 -22.26 -3.66
N TRP D 169 25.48 -23.47 -3.51
CA TRP D 169 26.76 -23.79 -2.89
C TRP D 169 26.78 -23.64 -1.37
N MSE D 170 25.65 -23.32 -0.76
CA MSE D 170 25.61 -23.17 0.70
CA MSE D 170 25.60 -23.16 0.68
C MSE D 170 25.59 -24.52 1.38
O MSE D 170 24.79 -25.42 1.03
CB MSE D 170 24.38 -22.39 1.15
CB MSE D 170 24.35 -22.36 1.04
CG MSE D 170 24.16 -22.51 2.68
CG MSE D 170 24.31 -21.92 2.51
SE MSE D 170 22.63 -21.52 3.36
SE MSE D 170 22.94 -20.62 2.84
CE MSE D 170 23.57 -19.96 3.99
CE MSE D 170 23.01 -20.45 4.77
N ASN D 171 26.46 -24.66 2.38
CA ASN D 171 26.66 -25.90 3.11
C ASN D 171 26.17 -25.73 4.55
N THR D 172 24.90 -26.06 4.77
CA THR D 172 24.29 -25.97 6.09
CA THR D 172 24.27 -25.97 6.08
C THR D 172 23.69 -27.33 6.46
N PRO D 173 24.55 -28.24 6.94
CA PRO D 173 24.12 -29.59 7.25
C PRO D 173 23.06 -29.64 8.37
N VAL D 174 22.12 -30.55 8.22
CA VAL D 174 21.17 -30.92 9.30
C VAL D 174 21.68 -32.24 9.87
N VAL D 175 21.93 -32.24 11.17
CA VAL D 175 22.52 -33.38 11.87
C VAL D 175 21.52 -33.96 12.89
N GLU D 176 22.05 -34.60 13.94
CA GLU D 176 21.29 -35.21 15.05
C GLU D 176 20.29 -34.26 15.74
N GLY D 177 19.08 -34.78 15.94
CA GLY D 177 17.99 -34.02 16.57
C GLY D 177 17.49 -32.82 15.79
N GLY D 178 17.81 -32.75 14.49
CA GLY D 178 17.38 -31.64 13.66
C GLY D 178 18.24 -30.38 13.74
N ALA D 179 19.36 -30.42 14.44
CA ALA D 179 20.23 -29.24 14.56
C ALA D 179 20.84 -28.90 13.22
N MSE D 180 21.15 -27.62 13.00
CA MSE D 180 21.80 -27.17 11.77
C MSE D 180 23.10 -26.47 12.06
O MSE D 180 23.22 -25.78 13.06
CB MSE D 180 20.89 -26.21 11.00
CG MSE D 180 19.57 -26.84 10.63
SE MSE D 180 18.27 -25.66 9.86
CE MSE D 180 19.30 -25.23 8.30
N GLU D 181 24.05 -26.60 11.15
CA GLU D 181 25.38 -26.00 11.31
C GLU D 181 25.70 -25.12 10.11
N TRP D 182 26.39 -24.01 10.36
CA TRP D 182 26.83 -23.09 9.32
C TRP D 182 28.30 -23.40 9.02
N ARG D 183 28.56 -24.00 7.85
CA ARG D 183 29.88 -24.45 7.45
C ARG D 183 30.34 -23.82 6.16
N PRO D 184 31.65 -23.79 5.93
CA PRO D 184 32.16 -23.34 4.65
C PRO D 184 31.71 -24.24 3.50
N PRO D 185 31.59 -23.66 2.29
CA PRO D 185 31.21 -24.47 1.14
C PRO D 185 32.26 -25.49 0.78
N VAL D 186 31.82 -26.46 0.03
CA VAL D 186 32.67 -27.52 -0.50
C VAL D 186 32.85 -27.41 -1.99
N SER D 187 32.32 -26.34 -2.56
CA SER D 187 32.58 -26.00 -3.95
C SER D 187 34.04 -25.61 -4.20
N ARG D 188 34.41 -25.63 -5.48
CA ARG D 188 35.77 -25.33 -5.95
C ARG D 188 35.72 -24.19 -6.96
N ARG D 189 36.85 -23.54 -7.14
CA ARG D 189 37.00 -22.46 -8.11
CA ARG D 189 37.04 -22.47 -8.13
C ARG D 189 36.52 -22.92 -9.48
N GLY D 190 35.60 -22.15 -10.07
CA GLY D 190 35.08 -22.43 -11.38
C GLY D 190 33.90 -23.36 -11.44
N ASP D 191 33.45 -23.89 -10.30
CA ASP D 191 32.27 -24.77 -10.31
C ASP D 191 31.06 -24.04 -10.88
N HIS D 192 30.22 -24.75 -11.62
CA HIS D 192 29.07 -24.13 -12.21
C HIS D 192 27.86 -25.01 -12.03
N VAL D 193 26.69 -24.37 -12.14
CA VAL D 193 25.42 -25.07 -12.33
C VAL D 193 24.80 -24.55 -13.64
N LEU D 194 23.97 -25.39 -14.27
CA LEU D 194 23.28 -25.04 -15.50
C LEU D 194 21.80 -25.33 -15.30
N PHE D 195 20.98 -24.30 -15.49
CA PHE D 195 19.54 -24.39 -15.39
C PHE D 195 18.91 -24.15 -16.74
N ARG D 196 17.96 -25.01 -17.12
CA ARG D 196 17.10 -24.73 -18.27
C ARG D 196 15.76 -24.17 -17.85
N ALA D 197 15.29 -23.14 -18.55
CA ALA D 197 13.99 -22.54 -18.28
C ALA D 197 12.88 -23.36 -18.92
N GLU D 198 11.92 -23.78 -18.10
CA GLU D 198 10.77 -24.56 -18.61
C GLU D 198 9.58 -23.69 -18.89
N LEU D 199 9.67 -22.42 -18.52
CA LEU D 199 8.70 -21.37 -18.83
C LEU D 199 9.53 -20.11 -19.10
N ASP D 200 8.89 -19.06 -19.61
CA ASP D 200 9.51 -17.76 -19.66
C ASP D 200 9.56 -17.26 -18.22
N VAL D 201 10.76 -16.90 -17.79
CA VAL D 201 11.02 -16.57 -16.41
C VAL D 201 11.91 -15.34 -16.25
N VAL D 202 11.87 -14.80 -15.02
CA VAL D 202 12.81 -13.80 -14.57
C VAL D 202 13.58 -14.43 -13.41
N VAL D 203 14.86 -14.68 -13.63
CA VAL D 203 15.76 -15.22 -12.61
C VAL D 203 16.39 -14.05 -11.86
N VAL D 204 16.57 -14.20 -10.56
CA VAL D 204 17.31 -13.22 -9.76
C VAL D 204 18.37 -13.94 -8.98
N ILE D 205 19.59 -13.42 -9.04
CA ILE D 205 20.69 -13.97 -8.26
C ILE D 205 21.34 -12.85 -7.43
N SER D 206 21.53 -13.15 -6.15
CA SER D 206 22.26 -12.27 -5.24
C SER D 206 23.55 -12.94 -4.79
N CYS D 207 24.65 -12.23 -4.95
CA CYS D 207 25.92 -12.68 -4.42
C CYS D 207 25.92 -12.39 -2.92
N CYS D 208 25.68 -13.42 -2.12
CA CYS D 208 25.44 -13.20 -0.69
C CYS D 208 26.60 -12.45 -0.03
N PRO D 209 26.29 -11.34 0.67
CA PRO D 209 27.33 -10.57 1.31
C PRO D 209 27.64 -10.99 2.77
N MSE D 210 27.18 -12.16 3.19
CA MSE D 210 27.40 -12.59 4.58
C MSE D 210 28.91 -12.68 4.82
O MSE D 210 29.62 -13.43 4.15
CB MSE D 210 26.75 -13.94 4.85
CG MSE D 210 27.04 -14.52 6.26
SE MSE D 210 26.50 -13.44 7.74
CE MSE D 210 24.59 -13.37 7.36
N ASP D 211 29.37 -11.91 5.80
CA ASP D 211 30.79 -11.83 6.11
C ASP D 211 31.01 -11.90 7.63
N LEU D 212 29.97 -12.31 8.37
CA LEU D 212 30.02 -12.52 9.85
C LEU D 212 29.86 -14.02 10.21
N LEU D 213 29.70 -14.86 9.19
CA LEU D 213 29.69 -16.32 9.33
C LEU D 213 30.51 -16.87 8.15
N PRO D 214 31.01 -18.12 8.23
CA PRO D 214 31.93 -18.63 7.20
C PRO D 214 31.25 -19.22 5.95
N ILE D 215 30.00 -18.87 5.70
CA ILE D 215 29.23 -19.57 4.67
C ILE D 215 29.69 -19.23 3.26
N ASN D 216 30.37 -18.09 3.09
CA ASN D 216 31.02 -17.72 1.83
C ASN D 216 32.52 -17.95 1.84
N GLY D 217 32.95 -18.88 2.70
CA GLY D 217 34.35 -19.21 2.85
C GLY D 217 34.87 -18.76 4.20
N GLU D 218 35.87 -19.50 4.70
CA GLU D 218 36.52 -19.20 5.98
C GLU D 218 37.01 -17.76 6.08
N GLU D 219 37.49 -17.21 4.97
CA GLU D 219 38.04 -15.85 4.92
C GLU D 219 36.96 -14.77 5.03
N ALA D 220 35.69 -15.14 4.84
CA ALA D 220 34.57 -14.19 4.98
C ALA D 220 34.74 -12.96 4.12
N GLN D 221 35.08 -13.18 2.85
CA GLN D 221 35.32 -12.10 1.89
C GLN D 221 34.45 -12.34 0.67
N PRO D 222 33.23 -11.84 0.70
CA PRO D 222 32.29 -12.09 -0.40
C PRO D 222 32.83 -11.68 -1.77
N ARG D 223 32.50 -12.49 -2.78
CA ARG D 223 33.01 -12.37 -4.13
C ARG D 223 31.86 -12.32 -5.11
N ALA D 224 32.19 -12.03 -6.36
CA ALA D 224 31.25 -12.01 -7.47
C ALA D 224 30.91 -13.40 -7.96
N LEU D 225 29.88 -13.45 -8.79
CA LEU D 225 29.51 -14.65 -9.55
C LEU D 225 29.37 -14.30 -11.04
N ASP D 226 29.70 -15.25 -11.92
CA ASP D 226 29.54 -15.05 -13.36
C ASP D 226 28.34 -15.84 -13.86
N VAL D 227 27.74 -15.33 -14.93
CA VAL D 227 26.62 -16.00 -15.58
C VAL D 227 26.80 -15.98 -17.09
N ARG D 228 26.22 -16.96 -17.76
CA ARG D 228 26.24 -17.01 -19.22
C ARG D 228 24.99 -17.75 -19.73
N LEU D 229 24.28 -17.11 -20.66
CA LEU D 229 23.05 -17.64 -21.25
C LEU D 229 23.38 -18.39 -22.53
N ARG D 230 22.72 -19.53 -22.70
CA ARG D 230 22.81 -20.33 -23.89
C ARG D 230 21.44 -20.30 -24.58
N PRO D 231 21.41 -20.15 -25.90
CA PRO D 231 20.14 -20.13 -26.61
C PRO D 231 19.45 -21.49 -26.62
N ARG D 232 18.14 -21.47 -26.89
CA ARG D 232 17.42 -22.68 -27.31
C ARG D 232 18.14 -23.39 -28.45
N PRO D 233 18.19 -24.74 -28.43
CA PRO D 233 18.64 -25.47 -29.62
C PRO D 233 17.93 -25.09 -30.94
ZN ZN E . -22.99 17.44 3.19
CL CL F . -22.57 22.96 1.27
ZN ZN G . 4.00 25.14 -10.35
CL CL H . 0.39 21.63 -13.62
CL CL I . -22.48 21.82 -20.92
ZN ZN J . -3.25 -30.68 3.63
MG MG K . 15.74 -21.80 24.24
CL CL L . 1.04 -32.98 0.38
CL CL M . 10.58 -4.73 7.75
ZN ZN N . 22.70 -13.49 1.72
CL CL O . 21.58 -15.82 6.88
CL CL P . 16.68 -3.64 11.48
CL CL Q . 32.15 -4.61 -7.45
#